data_1TD1
#
_entry.id   1TD1
#
_cell.length_a   49.231
_cell.length_b   120.212
_cell.length_c   131.933
_cell.angle_alpha   90.00
_cell.angle_beta   90.00
_cell.angle_gamma   90.00
#
_symmetry.space_group_name_H-M   'P 21 21 21'
#
loop_
_entity.id
_entity.type
_entity.pdbx_description
1 polymer 'purine-nucleoside phosphorylase'
2 non-polymer 'ACETATE ION'
3 water water
#
_entity_poly.entity_id   1
_entity_poly.type   'polypeptide(L)'
_entity_poly.pdbx_seq_one_letter_code
;MHESVTANIENVKKVAHHIQKLTSIVPEIGIICGSGLGKLADGVKDKITIPYTKIPNFPQTSVVGHSGNLIFGTLSGRKV
VVMQGRFHMYEGYSNDTVALPIRVMKLLGVKILMVSNAAGGLNRSLKLGDFVILKDHIYLPGLGLNNILVGPNQEAFGTR
FPALSNAYDRDLRKLAVQVAEENGFGNLVHQGVYVMNGGPCYETPAECTMLLNMGCDVVGMSTIPEVVIARHCGIQVFAV
SLVTNISVLDVESDLKPNHEEVLATGAQRAELMQSWFEKIIEKLPKD
;
_entity_poly.pdbx_strand_id   A,B,C
#
loop_
_chem_comp.id
_chem_comp.type
_chem_comp.name
_chem_comp.formula
ACT non-polymer 'ACETATE ION' 'C2 H3 O2 -1'
#
# COMPACT_ATOMS: atom_id res chain seq x y z
N GLU A 3 7.13 -18.22 -10.68
CA GLU A 3 6.49 -19.54 -11.00
C GLU A 3 5.34 -19.39 -12.00
N SER A 4 4.55 -18.32 -11.85
CA SER A 4 3.45 -18.04 -12.77
C SER A 4 3.99 -17.43 -14.06
N VAL A 5 3.35 -17.77 -15.18
CA VAL A 5 3.77 -17.28 -16.49
C VAL A 5 3.34 -15.82 -16.66
N THR A 6 4.23 -15.01 -17.26
CA THR A 6 3.92 -13.62 -17.53
C THR A 6 2.66 -13.54 -18.40
N ALA A 7 1.82 -12.56 -18.11
CA ALA A 7 0.56 -12.37 -18.83
C ALA A 7 0.80 -11.51 -20.06
N ASN A 8 1.74 -11.94 -20.89
CA ASN A 8 2.07 -11.26 -22.14
C ASN A 8 1.31 -11.89 -23.29
N ILE A 9 1.33 -11.27 -24.45
CA ILE A 9 0.52 -11.74 -25.57
C ILE A 9 0.90 -13.14 -26.04
N GLU A 10 2.18 -13.48 -25.95
CA GLU A 10 2.67 -14.81 -26.36
C GLU A 10 2.04 -15.91 -25.51
N ASN A 11 2.10 -15.74 -24.19
CA ASN A 11 1.60 -16.73 -23.24
C ASN A 11 0.08 -16.79 -23.20
N VAL A 12 -0.57 -15.64 -23.31
CA VAL A 12 -2.02 -15.56 -23.30
C VAL A 12 -2.58 -16.20 -24.57
N LYS A 13 -1.90 -15.99 -25.69
CA LYS A 13 -2.28 -16.62 -26.96
C LYS A 13 -2.22 -18.14 -26.85
N LYS A 14 -1.17 -18.66 -26.23
CA LYS A 14 -1.00 -20.11 -26.10
C LYS A 14 -2.13 -20.72 -25.26
N VAL A 15 -2.56 -20.02 -24.22
CA VAL A 15 -3.66 -20.48 -23.38
C VAL A 15 -4.99 -20.44 -24.13
N ALA A 16 -5.23 -19.33 -24.83
CA ALA A 16 -6.47 -19.13 -25.58
C ALA A 16 -6.60 -20.12 -26.74
N HIS A 17 -5.47 -20.45 -27.35
CA HIS A 17 -5.43 -21.39 -28.49
C HIS A 17 -5.73 -22.81 -28.01
N HIS A 18 -5.31 -23.13 -26.79
CA HIS A 18 -5.59 -24.42 -26.20
C HIS A 18 -7.07 -24.56 -25.86
N ILE A 19 -7.67 -23.48 -25.35
CA ILE A 19 -9.09 -23.45 -25.03
C ILE A 19 -9.93 -23.54 -26.30
N GLN A 20 -9.46 -22.91 -27.37
CA GLN A 20 -10.20 -22.87 -28.63
C GLN A 20 -10.25 -24.23 -29.34
N LYS A 21 -9.36 -25.15 -28.95
CA LYS A 21 -9.40 -26.53 -29.43
C LYS A 21 -10.35 -27.39 -28.59
N LEU A 22 -10.67 -26.94 -27.37
CA LEU A 22 -11.59 -27.65 -26.48
C LEU A 22 -13.05 -27.20 -26.62
N THR A 23 -13.28 -26.09 -27.31
CA THR A 23 -14.64 -25.57 -27.48
C THR A 23 -14.77 -24.68 -28.71
N SER A 24 -15.96 -24.66 -29.31
CA SER A 24 -16.24 -23.83 -30.48
C SER A 24 -16.92 -22.51 -30.09
N ILE A 25 -17.31 -22.40 -28.83
CA ILE A 25 -18.05 -21.25 -28.32
C ILE A 25 -17.15 -20.02 -28.23
N VAL A 26 -17.50 -18.98 -29.00
CA VAL A 26 -16.82 -17.71 -28.95
C VAL A 26 -17.62 -16.79 -28.02
N PRO A 27 -17.15 -16.58 -26.79
CA PRO A 27 -17.92 -15.81 -25.81
C PRO A 27 -17.82 -14.32 -26.07
N GLU A 28 -18.92 -13.59 -25.89
CA GLU A 28 -18.88 -12.13 -25.91
C GLU A 28 -19.15 -11.51 -24.53
N ILE A 29 -19.56 -12.33 -23.56
CA ILE A 29 -19.74 -11.89 -22.20
C ILE A 29 -18.95 -12.82 -21.29
N GLY A 30 -18.10 -12.24 -20.45
CA GLY A 30 -17.38 -12.96 -19.43
C GLY A 30 -17.99 -12.66 -18.08
N ILE A 31 -18.17 -13.69 -17.25
CA ILE A 31 -18.74 -13.53 -15.92
C ILE A 31 -17.82 -14.15 -14.88
N ILE A 32 -17.45 -13.37 -13.86
CA ILE A 32 -16.69 -13.88 -12.73
C ILE A 32 -17.63 -14.06 -11.55
N CYS A 33 -17.82 -15.32 -11.16
CA CYS A 33 -18.74 -15.66 -10.08
C CYS A 33 -18.16 -15.30 -8.72
N GLY A 34 -18.81 -14.37 -8.04
CA GLY A 34 -18.53 -14.05 -6.66
C GLY A 34 -19.76 -14.34 -5.82
N SER A 35 -19.91 -13.62 -4.72
CA SER A 35 -21.05 -13.77 -3.82
C SER A 35 -22.37 -13.63 -4.59
N GLY A 36 -23.29 -14.57 -4.36
CA GLY A 36 -24.59 -14.55 -4.99
C GLY A 36 -24.66 -15.14 -6.39
N LEU A 37 -23.54 -15.66 -6.91
CA LEU A 37 -23.51 -16.22 -8.26
C LEU A 37 -23.03 -17.67 -8.26
N GLY A 38 -23.23 -18.37 -7.15
CA GLY A 38 -22.83 -19.76 -7.03
C GLY A 38 -23.58 -20.69 -7.97
N LYS A 39 -24.86 -20.38 -8.21
CA LYS A 39 -25.74 -21.22 -9.03
C LYS A 39 -25.79 -20.78 -10.50
N LEU A 40 -24.95 -19.84 -10.89
CA LEU A 40 -25.00 -19.27 -12.25
C LEU A 40 -24.61 -20.27 -13.33
N ALA A 41 -23.63 -21.13 -13.03
CA ALA A 41 -23.19 -22.16 -13.97
C ALA A 41 -24.31 -23.15 -14.35
N ASP A 42 -25.25 -23.36 -13.43
CA ASP A 42 -26.37 -24.27 -13.66
C ASP A 42 -27.29 -23.78 -14.79
N GLY A 43 -27.52 -22.46 -14.84
CA GLY A 43 -28.36 -21.87 -15.87
C GLY A 43 -27.77 -21.86 -17.27
N VAL A 44 -26.45 -22.03 -17.37
CA VAL A 44 -25.76 -22.00 -18.67
C VAL A 44 -26.11 -23.25 -19.48
N LYS A 45 -26.59 -23.03 -20.70
CA LYS A 45 -27.09 -24.09 -21.57
C LYS A 45 -26.10 -24.42 -22.69
N ASP A 46 -26.25 -25.60 -23.27
CA ASP A 46 -25.34 -26.09 -24.32
C ASP A 46 -23.89 -25.94 -23.88
N LYS A 47 -23.63 -26.26 -22.62
CA LYS A 47 -22.38 -25.88 -21.97
C LYS A 47 -21.30 -26.97 -22.00
N ILE A 48 -20.07 -26.52 -21.80
CA ILE A 48 -18.92 -27.39 -21.67
C ILE A 48 -18.05 -26.87 -20.51
N THR A 49 -17.82 -27.74 -19.52
CA THR A 49 -17.03 -27.38 -18.35
C THR A 49 -15.58 -27.81 -18.55
N ILE A 50 -14.66 -26.85 -18.52
CA ILE A 50 -13.23 -27.09 -18.69
C ILE A 50 -12.53 -26.77 -17.37
N PRO A 51 -12.14 -27.79 -16.59
CA PRO A 51 -11.36 -27.55 -15.38
C PRO A 51 -10.04 -26.83 -15.68
N TYR A 52 -9.60 -25.97 -14.77
CA TYR A 52 -8.35 -25.22 -14.93
C TYR A 52 -7.17 -26.19 -15.05
N THR A 53 -7.29 -27.34 -14.38
CA THR A 53 -6.25 -28.38 -14.41
C THR A 53 -5.94 -28.93 -15.82
N LYS A 54 -6.88 -28.82 -16.75
CA LYS A 54 -6.64 -29.28 -18.13
C LYS A 54 -6.36 -28.14 -19.13
N ILE A 55 -5.93 -26.99 -18.61
CA ILE A 55 -5.50 -25.86 -19.45
C ILE A 55 -4.07 -25.51 -19.04
N PRO A 56 -3.08 -25.88 -19.86
CA PRO A 56 -1.68 -25.60 -19.53
C PRO A 56 -1.39 -24.11 -19.30
N ASN A 57 -0.59 -23.83 -18.26
CA ASN A 57 -0.19 -22.47 -17.89
C ASN A 57 -1.32 -21.54 -17.42
N PHE A 58 -2.54 -22.07 -17.31
CA PHE A 58 -3.65 -21.36 -16.70
C PHE A 58 -3.51 -21.56 -15.20
N PRO A 59 -3.74 -20.52 -14.41
CA PRO A 59 -3.58 -20.63 -12.95
C PRO A 59 -4.52 -21.65 -12.30
N GLN A 60 -4.10 -22.20 -11.17
CA GLN A 60 -4.83 -23.27 -10.49
C GLN A 60 -5.41 -22.78 -9.15
N THR A 61 -6.72 -22.92 -9.00
CA THR A 61 -7.43 -22.54 -7.76
C THR A 61 -8.45 -23.61 -7.35
N SER A 62 -8.80 -23.62 -6.07
CA SER A 62 -9.71 -24.62 -5.51
C SER A 62 -10.97 -23.98 -4.95
N HIS A 66 -12.18 -29.18 -4.96
CA HIS A 66 -12.40 -29.32 -6.40
C HIS A 66 -11.76 -28.15 -7.17
N SER A 67 -11.25 -28.45 -8.36
CA SER A 67 -10.62 -27.43 -9.20
C SER A 67 -11.63 -26.41 -9.70
N GLY A 68 -11.14 -25.21 -10.03
CA GLY A 68 -11.96 -24.20 -10.65
C GLY A 68 -12.22 -24.60 -12.09
N ASN A 69 -13.31 -24.08 -12.67
CA ASN A 69 -13.70 -24.39 -14.03
C ASN A 69 -13.91 -23.14 -14.88
N LEU A 70 -13.70 -23.29 -16.17
CA LEU A 70 -14.09 -22.30 -17.18
C LEU A 70 -15.27 -22.90 -17.95
N ILE A 71 -16.46 -22.35 -17.74
CA ILE A 71 -17.68 -22.87 -18.35
C ILE A 71 -18.07 -22.00 -19.53
N PHE A 72 -18.19 -22.61 -20.71
CA PHE A 72 -18.65 -21.93 -21.92
C PHE A 72 -20.06 -22.40 -22.26
N GLY A 73 -20.86 -21.51 -22.83
CA GLY A 73 -22.23 -21.84 -23.17
C GLY A 73 -23.08 -20.63 -23.47
N THR A 74 -24.39 -20.79 -23.33
CA THR A 74 -25.36 -19.78 -23.72
C THR A 74 -26.21 -19.39 -22.52
N LEU A 75 -26.32 -18.08 -22.28
CA LEU A 75 -27.11 -17.55 -21.18
C LEU A 75 -27.99 -16.42 -21.74
N SER A 76 -29.31 -16.60 -21.63
CA SER A 76 -30.27 -15.65 -22.19
C SER A 76 -29.99 -15.33 -23.66
N GLY A 77 -29.62 -16.36 -24.43
CA GLY A 77 -29.39 -16.23 -25.86
C GLY A 77 -28.01 -15.74 -26.29
N ARG A 78 -27.12 -15.49 -25.34
CA ARG A 78 -25.80 -14.92 -25.63
C ARG A 78 -24.67 -15.88 -25.25
N LYS A 79 -23.59 -15.85 -26.01
CA LYS A 79 -22.43 -16.70 -25.75
C LYS A 79 -21.65 -16.13 -24.56
N VAL A 80 -21.39 -16.97 -23.57
CA VAL A 80 -20.72 -16.53 -22.35
C VAL A 80 -19.58 -17.47 -21.97
N VAL A 81 -18.60 -16.92 -21.23
CA VAL A 81 -17.63 -17.72 -20.49
C VAL A 81 -17.72 -17.34 -19.02
N VAL A 82 -17.80 -18.34 -18.16
CA VAL A 82 -17.99 -18.13 -16.72
C VAL A 82 -16.79 -18.69 -15.97
N MET A 83 -16.18 -17.84 -15.13
CA MET A 83 -15.07 -18.24 -14.29
C MET A 83 -15.63 -18.67 -12.94
N GLN A 84 -15.54 -19.96 -12.66
CA GLN A 84 -15.93 -20.55 -11.38
C GLN A 84 -14.64 -20.88 -10.63
N GLY A 85 -14.20 -19.96 -9.78
CA GLY A 85 -12.92 -20.06 -9.10
C GLY A 85 -12.07 -18.84 -9.43
N ARG A 86 -11.88 -17.97 -8.44
CA ARG A 86 -11.13 -16.73 -8.61
C ARG A 86 -9.79 -16.77 -7.88
N PHE A 87 -8.97 -15.76 -8.15
CA PHE A 87 -7.62 -15.67 -7.63
C PHE A 87 -7.48 -14.39 -6.80
N HIS A 88 -7.79 -14.51 -5.52
CA HIS A 88 -7.77 -13.37 -4.59
C HIS A 88 -6.34 -13.07 -4.15
N MET A 89 -6.00 -11.80 -4.11
CA MET A 89 -4.64 -11.39 -3.79
C MET A 89 -4.26 -11.75 -2.34
N TYR A 90 -5.23 -11.77 -1.43
CA TYR A 90 -4.95 -12.17 -0.04
C TYR A 90 -4.51 -13.63 0.10
N GLU A 91 -4.73 -14.44 -0.93
CA GLU A 91 -4.25 -15.84 -0.96
C GLU A 91 -2.78 -15.97 -1.33
N GLY A 92 -2.19 -14.88 -1.83
CA GLY A 92 -0.79 -14.84 -2.21
C GLY A 92 -0.54 -14.92 -3.71
N TYR A 93 -1.61 -14.89 -4.50
CA TYR A 93 -1.49 -14.94 -5.95
C TYR A 93 -0.82 -13.69 -6.51
N SER A 94 -0.11 -13.86 -7.62
CA SER A 94 0.65 -12.79 -8.23
C SER A 94 -0.23 -11.99 -9.18
N ASN A 95 0.27 -10.83 -9.59
CA ASN A 95 -0.45 -9.99 -10.55
C ASN A 95 -0.66 -10.74 -11.87
N ASP A 96 0.35 -11.48 -12.31
CA ASP A 96 0.26 -12.21 -13.58
C ASP A 96 -0.83 -13.27 -13.52
N THR A 97 -0.93 -13.95 -12.37
CA THR A 97 -1.93 -14.97 -12.14
C THR A 97 -3.35 -14.39 -12.24
N VAL A 98 -3.57 -13.22 -11.68
CA VAL A 98 -4.88 -12.59 -11.74
C VAL A 98 -5.17 -12.04 -13.15
N ALA A 99 -4.13 -11.53 -13.80
CA ALA A 99 -4.28 -10.82 -15.08
C ALA A 99 -4.50 -11.77 -16.25
N LEU A 100 -3.88 -12.94 -16.22
CA LEU A 100 -3.90 -13.82 -17.37
C LEU A 100 -5.31 -14.24 -17.78
N PRO A 101 -6.13 -14.73 -16.84
CA PRO A 101 -7.52 -15.10 -17.17
C PRO A 101 -8.32 -14.00 -17.86
N ILE A 102 -8.18 -12.75 -17.42
CA ILE A 102 -8.93 -11.65 -18.02
C ILE A 102 -8.45 -11.40 -19.45
N ARG A 103 -7.14 -11.49 -19.64
CA ARG A 103 -6.55 -11.29 -20.97
C ARG A 103 -6.89 -12.44 -21.90
N VAL A 104 -7.02 -13.65 -21.35
CA VAL A 104 -7.47 -14.80 -22.12
C VAL A 104 -8.89 -14.51 -22.63
N MET A 105 -9.76 -14.02 -21.73
CA MET A 105 -11.13 -13.66 -22.10
C MET A 105 -11.14 -12.72 -23.30
N LYS A 106 -10.26 -11.71 -23.27
CA LYS A 106 -10.15 -10.74 -24.36
C LYS A 106 -9.81 -11.40 -25.69
N LEU A 107 -8.82 -12.30 -25.70
CA LEU A 107 -8.44 -13.02 -26.92
C LEU A 107 -9.53 -13.97 -27.40
N LEU A 108 -10.33 -14.49 -26.46
CA LEU A 108 -11.45 -15.37 -26.80
C LEU A 108 -12.64 -14.61 -27.39
N GLY A 109 -12.71 -13.29 -27.16
CA GLY A 109 -13.72 -12.44 -27.77
C GLY A 109 -14.64 -11.68 -26.82
N VAL A 110 -14.36 -11.73 -25.52
CA VAL A 110 -15.20 -11.07 -24.52
C VAL A 110 -15.18 -9.56 -24.71
N LYS A 111 -16.36 -8.95 -24.70
CA LYS A 111 -16.56 -7.51 -24.84
C LYS A 111 -17.07 -6.88 -23.54
N ILE A 112 -17.75 -7.68 -22.72
CA ILE A 112 -18.30 -7.24 -21.45
C ILE A 112 -17.93 -8.24 -20.35
N LEU A 113 -17.41 -7.73 -19.24
CA LEU A 113 -17.13 -8.52 -18.05
C LEU A 113 -18.15 -8.16 -16.96
N MET A 114 -18.85 -9.16 -16.43
CA MET A 114 -19.77 -8.98 -15.32
C MET A 114 -19.21 -9.71 -14.10
N VAL A 115 -19.19 -9.04 -12.96
CA VAL A 115 -18.59 -9.61 -11.76
C VAL A 115 -19.41 -9.27 -10.52
N SER A 116 -19.51 -10.21 -9.60
CA SER A 116 -20.06 -9.94 -8.28
C SER A 116 -19.01 -10.18 -7.21
N ASN A 117 -19.23 -9.59 -6.04
CA ASN A 117 -18.40 -9.86 -4.86
C ASN A 117 -19.18 -9.64 -3.56
N ALA A 118 -18.60 -10.09 -2.47
CA ALA A 118 -19.12 -9.84 -1.13
C ALA A 118 -18.43 -8.61 -0.58
N ALA A 119 -19.19 -7.72 0.06
CA ALA A 119 -18.64 -6.49 0.63
C ALA A 119 -19.32 -6.12 1.95
N GLY A 120 -18.61 -5.34 2.76
CA GLY A 120 -19.16 -4.76 3.96
C GLY A 120 -19.79 -3.42 3.63
N GLY A 121 -20.97 -3.17 4.19
CA GLY A 121 -21.69 -1.93 3.94
C GLY A 121 -21.26 -0.83 4.90
N LEU A 122 -20.53 0.15 4.37
CA LEU A 122 -20.09 1.32 5.13
C LEU A 122 -21.20 2.36 5.19
N ASN A 123 -21.75 2.71 4.04
CA ASN A 123 -22.89 3.62 3.94
C ASN A 123 -24.00 3.16 4.90
N ARG A 124 -24.42 4.06 5.80
CA ARG A 124 -25.35 3.73 6.89
C ARG A 124 -26.79 3.49 6.41
N SER A 125 -27.11 3.87 5.19
CA SER A 125 -28.42 3.63 4.59
C SER A 125 -28.55 2.23 3.97
N LEU A 126 -27.45 1.51 3.86
CA LEU A 126 -27.48 0.16 3.29
C LEU A 126 -28.05 -0.86 4.28
N LYS A 127 -28.80 -1.82 3.76
CA LYS A 127 -29.30 -2.96 4.52
C LYS A 127 -28.58 -4.23 4.08
N LEU A 128 -28.48 -5.19 4.97
CA LEU A 128 -27.96 -6.50 4.64
C LEU A 128 -28.73 -7.13 3.47
N GLY A 129 -27.99 -7.66 2.49
CA GLY A 129 -28.57 -8.29 1.32
C GLY A 129 -28.85 -7.33 0.18
N ASP A 130 -28.54 -6.05 0.38
CA ASP A 130 -28.69 -5.04 -0.66
C ASP A 130 -27.66 -5.29 -1.76
N PHE A 131 -27.97 -4.84 -2.96
CA PHE A 131 -27.06 -4.89 -4.09
C PHE A 131 -26.52 -3.48 -4.30
N VAL A 132 -25.21 -3.34 -4.33
CA VAL A 132 -24.57 -2.06 -4.62
C VAL A 132 -23.76 -2.18 -5.90
N ILE A 133 -24.31 -1.65 -6.98
CA ILE A 133 -23.62 -1.58 -8.26
C ILE A 133 -22.44 -0.64 -8.08
N LEU A 134 -21.25 -1.09 -8.46
CA LEU A 134 -20.09 -0.22 -8.44
C LEU A 134 -20.22 0.81 -9.55
N LYS A 135 -20.18 2.09 -9.18
CA LYS A 135 -20.04 3.18 -10.12
C LYS A 135 -18.62 3.77 -10.11
N ASP A 136 -17.87 3.53 -9.04
CA ASP A 136 -16.46 3.94 -8.95
C ASP A 136 -15.73 3.12 -7.90
N HIS A 137 -14.42 3.30 -7.80
CA HIS A 137 -13.65 2.60 -6.78
C HIS A 137 -12.48 3.40 -6.21
N ILE A 138 -11.99 2.93 -5.08
CA ILE A 138 -10.75 3.41 -4.49
C ILE A 138 -9.85 2.19 -4.31
N TYR A 139 -8.77 2.17 -5.08
CA TYR A 139 -7.86 1.04 -5.16
C TYR A 139 -6.73 1.31 -4.18
N LEU A 140 -6.94 1.04 -2.90
CA LEU A 140 -5.93 1.37 -1.89
C LEU A 140 -4.59 0.67 -2.18
N PRO A 141 -4.58 -0.62 -2.50
CA PRO A 141 -3.34 -1.27 -2.94
C PRO A 141 -2.69 -0.61 -4.14
N GLY A 142 -3.48 -0.19 -5.13
CA GLY A 142 -2.96 0.45 -6.32
C GLY A 142 -2.31 1.81 -6.06
N LEU A 143 -2.91 2.59 -5.17
CA LEU A 143 -2.32 3.86 -4.75
C LEU A 143 -1.00 3.63 -4.01
N GLY A 144 -0.92 2.52 -3.28
CA GLY A 144 0.25 2.22 -2.46
C GLY A 144 1.31 1.37 -3.13
N LEU A 145 1.32 1.36 -4.46
CA LEU A 145 2.35 0.68 -5.27
C LEU A 145 2.16 -0.83 -5.43
N ASN A 146 0.97 -1.33 -5.10
CA ASN A 146 0.60 -2.71 -5.39
C ASN A 146 -0.47 -2.81 -6.48
N ASN A 147 -0.46 -1.87 -7.43
CA ASN A 147 -1.35 -1.93 -8.59
C ASN A 147 -0.99 -3.17 -9.42
N ILE A 148 -2.02 -3.87 -9.87
CA ILE A 148 -1.84 -5.07 -10.68
C ILE A 148 -1.02 -4.83 -11.96
N LEU A 149 -1.01 -3.60 -12.48
CA LEU A 149 -0.31 -3.27 -13.73
C LEU A 149 1.17 -2.89 -13.54
N VAL A 150 1.63 -2.81 -12.30
CA VAL A 150 3.05 -2.57 -12.03
C VAL A 150 3.91 -3.62 -12.77
N GLY A 151 4.96 -3.14 -13.43
CA GLY A 151 5.80 -3.95 -14.29
C GLY A 151 5.78 -3.40 -15.70
N PRO A 152 6.53 -4.02 -16.62
CA PRO A 152 6.49 -3.62 -18.03
C PRO A 152 5.06 -3.63 -18.56
N ASN A 153 4.68 -2.59 -19.31
CA ASN A 153 3.37 -2.57 -19.93
C ASN A 153 3.34 -3.53 -21.11
N GLN A 154 2.27 -4.31 -21.18
CA GLN A 154 2.05 -5.23 -22.29
C GLN A 154 1.25 -4.51 -23.36
N GLU A 155 1.96 -4.01 -24.38
CA GLU A 155 1.40 -3.09 -25.35
C GLU A 155 0.34 -3.71 -26.26
N ALA A 156 0.41 -5.03 -26.46
CA ALA A 156 -0.61 -5.72 -27.23
C ALA A 156 -2.00 -5.57 -26.60
N PHE A 157 -2.03 -5.42 -25.28
CA PHE A 157 -3.29 -5.37 -24.54
C PHE A 157 -3.78 -3.95 -24.26
N GLY A 158 -2.86 -3.04 -23.96
CA GLY A 158 -3.25 -1.68 -23.64
C GLY A 158 -2.13 -0.69 -23.40
N THR A 159 -2.50 0.47 -22.91
CA THR A 159 -1.58 1.60 -22.78
C THR A 159 -0.90 1.63 -21.39
N ARG A 160 0.21 2.36 -21.30
CA ARG A 160 1.00 2.42 -20.07
C ARG A 160 0.21 3.05 -18.93
N PHE A 161 -0.49 4.14 -19.23
CA PHE A 161 -1.21 4.92 -18.23
C PHE A 161 -2.71 4.92 -18.51
N PRO A 162 -3.40 3.83 -18.20
CA PRO A 162 -4.84 3.76 -18.48
C PRO A 162 -5.65 4.72 -17.61
N ALA A 163 -6.59 5.41 -18.24
CA ALA A 163 -7.56 6.22 -17.53
C ALA A 163 -8.69 5.33 -17.02
N LEU A 164 -9.27 5.71 -15.89
CA LEU A 164 -10.32 4.94 -15.24
C LEU A 164 -11.57 5.80 -15.08
N SER A 165 -11.91 6.57 -16.12
CA SER A 165 -12.96 7.60 -16.03
C SER A 165 -14.40 7.04 -16.03
N ASN A 166 -14.70 6.16 -16.97
CA ASN A 166 -15.99 5.46 -17.06
C ASN A 166 -15.71 3.98 -16.88
N ALA A 167 -14.95 3.64 -15.84
CA ALA A 167 -14.54 2.26 -15.57
C ALA A 167 -15.75 1.33 -15.49
N TYR A 168 -16.76 1.78 -14.76
CA TYR A 168 -17.98 1.02 -14.57
C TYR A 168 -19.00 1.58 -15.55
N ASP A 169 -19.04 0.96 -16.72
CA ASP A 169 -19.80 1.46 -17.85
C ASP A 169 -21.16 2.00 -17.44
N ARG A 170 -21.41 3.27 -17.71
CA ARG A 170 -22.65 3.93 -17.29
C ARG A 170 -23.89 3.34 -17.94
N ASP A 171 -23.77 2.87 -19.19
CA ASP A 171 -24.91 2.28 -19.88
C ASP A 171 -25.31 0.94 -19.28
N LEU A 172 -24.32 0.14 -18.87
CA LEU A 172 -24.60 -1.13 -18.21
C LEU A 172 -25.22 -0.90 -16.83
N ARG A 173 -24.77 0.13 -16.12
CA ARG A 173 -25.32 0.45 -14.80
C ARG A 173 -26.78 0.84 -14.91
N LYS A 174 -27.09 1.70 -15.89
CA LYS A 174 -28.44 2.17 -16.17
C LYS A 174 -29.37 0.98 -16.44
N LEU A 175 -28.95 0.11 -17.33
CA LEU A 175 -29.71 -1.07 -17.71
C LEU A 175 -29.98 -1.97 -16.50
N ALA A 176 -28.94 -2.19 -15.68
CA ALA A 176 -29.07 -3.02 -14.50
C ALA A 176 -30.10 -2.47 -13.53
N VAL A 177 -30.11 -1.16 -13.35
CA VAL A 177 -31.06 -0.49 -12.47
C VAL A 177 -32.49 -0.58 -13.03
N GLN A 178 -32.61 -0.47 -14.34
CA GLN A 178 -33.93 -0.54 -15.00
C GLN A 178 -34.50 -1.96 -14.94
N VAL A 179 -33.62 -2.96 -15.05
CA VAL A 179 -34.02 -4.36 -15.01
C VAL A 179 -34.50 -4.74 -13.61
N ALA A 180 -33.80 -4.27 -12.58
CA ALA A 180 -34.23 -4.47 -11.20
C ALA A 180 -35.58 -3.81 -10.95
N GLU A 181 -35.73 -2.57 -11.40
CA GLU A 181 -36.95 -1.78 -11.15
C GLU A 181 -38.19 -2.43 -11.81
N GLU A 182 -38.09 -2.92 -13.05
CA GLU A 182 -39.26 -3.51 -13.71
C GLU A 182 -39.55 -4.93 -13.20
N ASN A 183 -38.56 -5.57 -12.53
CA ASN A 183 -38.77 -6.91 -11.99
C ASN A 183 -39.07 -6.87 -10.48
N GLY A 184 -39.27 -5.66 -9.96
CA GLY A 184 -39.81 -5.48 -8.62
C GLY A 184 -38.83 -5.54 -7.45
N PHE A 185 -37.53 -5.49 -7.71
CA PHE A 185 -36.54 -5.41 -6.63
C PHE A 185 -35.60 -4.20 -6.77
N GLY A 186 -36.11 -3.12 -7.33
CA GLY A 186 -35.37 -1.88 -7.44
C GLY A 186 -35.03 -1.24 -6.09
N ASN A 187 -35.84 -1.54 -5.08
CA ASN A 187 -35.59 -1.04 -3.71
C ASN A 187 -34.35 -1.66 -3.05
N LEU A 188 -33.90 -2.80 -3.56
CA LEU A 188 -32.69 -3.45 -3.06
C LEU A 188 -31.41 -2.94 -3.72
N VAL A 189 -31.55 -2.20 -4.81
CA VAL A 189 -30.42 -1.81 -5.64
C VAL A 189 -29.97 -0.37 -5.40
N HIS A 190 -28.68 -0.21 -5.15
CA HIS A 190 -28.04 1.08 -4.99
C HIS A 190 -26.84 1.15 -5.92
N GLN A 191 -26.21 2.32 -5.98
CA GLN A 191 -24.96 2.50 -6.68
C GLN A 191 -23.99 3.15 -5.69
N GLY A 192 -22.71 2.80 -5.79
CA GLY A 192 -21.76 3.25 -4.80
C GLY A 192 -20.30 3.08 -5.18
N VAL A 193 -19.46 3.64 -4.32
CA VAL A 193 -18.02 3.56 -4.44
C VAL A 193 -17.53 2.37 -3.61
N TYR A 194 -16.72 1.52 -4.23
CA TYR A 194 -16.15 0.34 -3.57
C TYR A 194 -14.67 0.62 -3.26
N VAL A 195 -14.26 0.33 -2.04
CA VAL A 195 -12.86 0.45 -1.68
C VAL A 195 -12.31 -0.94 -1.42
N MET A 196 -11.08 -1.17 -1.88
CA MET A 196 -10.44 -2.46 -1.70
C MET A 196 -9.57 -2.42 -0.45
N ASN A 197 -9.87 -3.35 0.46
CA ASN A 197 -9.00 -3.73 1.55
C ASN A 197 -8.29 -5.01 1.12
N GLY A 198 -6.97 -4.97 0.98
CA GLY A 198 -6.20 -6.13 0.56
C GLY A 198 -6.56 -7.40 1.31
N GLY A 199 -6.84 -7.26 2.61
CA GLY A 199 -7.33 -8.38 3.41
C GLY A 199 -6.18 -9.26 3.85
N PRO A 200 -6.47 -10.43 4.41
CA PRO A 200 -7.81 -11.02 4.56
C PRO A 200 -8.57 -10.71 5.87
N CYS A 201 -8.00 -9.91 6.75
CA CYS A 201 -8.71 -9.43 7.93
C CYS A 201 -9.93 -8.61 7.53
N TYR A 202 -11.04 -8.78 8.24
CA TYR A 202 -12.10 -7.80 8.18
C TYR A 202 -11.58 -6.48 8.76
N GLU A 203 -12.34 -5.43 8.52
CA GLU A 203 -11.93 -4.06 8.80
C GLU A 203 -12.21 -3.76 10.27
N THR A 204 -11.29 -3.08 10.93
CA THR A 204 -11.53 -2.65 12.32
C THR A 204 -12.57 -1.52 12.30
N PRO A 205 -13.18 -1.25 13.45
CA PRO A 205 -14.08 -0.08 13.56
C PRO A 205 -13.43 1.24 13.11
N ALA A 206 -12.18 1.49 13.50
CA ALA A 206 -11.49 2.72 13.09
C ALA A 206 -11.26 2.76 11.59
N GLU A 207 -10.92 1.60 11.02
CA GLU A 207 -10.71 1.48 9.58
C GLU A 207 -12.01 1.76 8.82
N CYS A 208 -13.11 1.17 9.28
CA CYS A 208 -14.41 1.40 8.66
C CYS A 208 -14.80 2.88 8.70
N THR A 209 -14.57 3.52 9.83
CA THR A 209 -14.91 4.93 10.00
C THR A 209 -14.12 5.78 9.00
N MET A 210 -12.82 5.51 8.89
CA MET A 210 -11.95 6.18 7.93
C MET A 210 -12.43 5.97 6.50
N LEU A 211 -12.77 4.74 6.16
CA LEU A 211 -13.22 4.41 4.81
C LEU A 211 -14.53 5.11 4.47
N LEU A 212 -15.45 5.16 5.42
CA LEU A 212 -16.72 5.86 5.22
C LEU A 212 -16.47 7.34 4.94
N ASN A 213 -15.56 7.95 5.70
CA ASN A 213 -15.24 9.36 5.54
C ASN A 213 -14.38 9.67 4.31
N MET A 214 -13.79 8.63 3.70
CA MET A 214 -13.09 8.76 2.41
C MET A 214 -14.06 8.90 1.24
N GLY A 215 -15.35 8.63 1.47
CA GLY A 215 -16.37 8.68 0.44
C GLY A 215 -16.73 7.30 -0.09
N CYS A 216 -16.48 6.26 0.71
CA CYS A 216 -16.72 4.88 0.27
C CYS A 216 -18.05 4.36 0.80
N ASP A 217 -18.74 3.58 -0.02
CA ASP A 217 -20.03 3.01 0.36
C ASP A 217 -19.92 1.56 0.80
N VAL A 218 -19.04 0.81 0.15
CA VAL A 218 -18.80 -0.59 0.50
C VAL A 218 -17.31 -0.88 0.45
N VAL A 219 -16.87 -1.86 1.25
CA VAL A 219 -15.50 -2.31 1.28
C VAL A 219 -15.44 -3.83 1.07
N GLY A 220 -14.50 -4.27 0.23
CA GLY A 220 -14.28 -5.68 -0.01
C GLY A 220 -12.82 -5.97 -0.32
N MET A 221 -12.51 -7.22 -0.60
CA MET A 221 -11.12 -7.67 -0.72
C MET A 221 -10.73 -8.17 -2.11
N SER A 222 -11.55 -7.83 -3.11
CA SER A 222 -11.36 -8.38 -4.45
C SER A 222 -11.75 -7.37 -5.53
N THR A 223 -11.78 -7.86 -6.77
CA THR A 223 -12.50 -7.23 -7.87
C THR A 223 -11.75 -6.11 -8.58
N ILE A 224 -11.18 -5.17 -7.85
CA ILE A 224 -10.52 -4.04 -8.50
C ILE A 224 -9.38 -4.47 -9.44
N PRO A 225 -8.53 -5.42 -9.05
CA PRO A 225 -7.43 -5.84 -9.93
C PRO A 225 -7.93 -6.36 -11.29
N GLU A 226 -8.98 -7.19 -11.27
CA GLU A 226 -9.58 -7.70 -12.50
C GLU A 226 -10.19 -6.58 -13.32
N VAL A 227 -10.82 -5.62 -12.65
CA VAL A 227 -11.44 -4.47 -13.32
C VAL A 227 -10.37 -3.64 -14.05
N VAL A 228 -9.25 -3.40 -13.38
CA VAL A 228 -8.17 -2.62 -13.96
C VAL A 228 -7.63 -3.32 -15.22
N ILE A 229 -7.44 -4.64 -15.15
CA ILE A 229 -6.95 -5.39 -16.30
C ILE A 229 -7.96 -5.38 -17.44
N ALA A 230 -9.24 -5.53 -17.12
CA ALA A 230 -10.31 -5.47 -18.10
C ALA A 230 -10.34 -4.12 -18.81
N ARG A 231 -10.29 -3.05 -18.03
CA ARG A 231 -10.32 -1.71 -18.60
C ARG A 231 -9.08 -1.42 -19.43
N HIS A 232 -7.93 -1.93 -18.97
CA HIS A 232 -6.68 -1.76 -19.69
C HIS A 232 -6.76 -2.36 -21.10
N CYS A 233 -7.42 -3.51 -21.25
CA CYS A 233 -7.56 -4.13 -22.58
C CYS A 233 -8.89 -3.85 -23.28
N GLY A 234 -9.66 -2.91 -22.74
CA GLY A 234 -10.83 -2.38 -23.42
C GLY A 234 -12.12 -3.17 -23.29
N ILE A 235 -12.19 -4.05 -22.28
CA ILE A 235 -13.42 -4.75 -21.94
C ILE A 235 -14.29 -3.85 -21.07
N GLN A 236 -15.57 -3.76 -21.40
CA GLN A 236 -16.53 -3.01 -20.58
C GLN A 236 -16.86 -3.80 -19.32
N VAL A 237 -17.07 -3.10 -18.22
CA VAL A 237 -17.21 -3.72 -16.91
C VAL A 237 -18.52 -3.36 -16.23
N PHE A 238 -19.21 -4.39 -15.76
CA PHE A 238 -20.29 -4.27 -14.81
C PHE A 238 -19.93 -5.06 -13.56
N ALA A 239 -20.02 -4.42 -12.40
CA ALA A 239 -19.65 -5.06 -11.13
C ALA A 239 -20.66 -4.73 -10.02
N VAL A 240 -21.03 -5.73 -9.22
CA VAL A 240 -21.98 -5.52 -8.12
C VAL A 240 -21.46 -6.15 -6.84
N SER A 241 -21.49 -5.38 -5.77
CA SER A 241 -21.23 -5.89 -4.42
C SER A 241 -22.54 -6.30 -3.77
N LEU A 242 -22.58 -7.51 -3.25
CA LEU A 242 -23.62 -7.90 -2.32
C LEU A 242 -23.20 -7.46 -0.93
N VAL A 243 -24.08 -6.75 -0.24
CA VAL A 243 -23.81 -6.32 1.14
C VAL A 243 -24.01 -7.51 2.08
N THR A 244 -22.90 -8.17 2.41
CA THR A 244 -22.91 -9.41 3.19
C THR A 244 -22.62 -9.18 4.67
N ASN A 245 -22.11 -7.99 4.99
CA ASN A 245 -22.02 -7.55 6.39
C ASN A 245 -22.24 -6.05 6.48
N ILE A 246 -22.84 -5.61 7.58
CA ILE A 246 -22.95 -4.20 7.88
C ILE A 246 -21.76 -3.84 8.74
N SER A 247 -20.90 -2.95 8.23
CA SER A 247 -19.67 -2.57 8.90
C SER A 247 -19.95 -1.97 10.26
N VAL A 248 -19.16 -2.39 11.24
CA VAL A 248 -19.27 -1.88 12.60
C VAL A 248 -18.23 -0.77 12.78
N LEU A 249 -18.72 0.42 13.09
CA LEU A 249 -17.88 1.62 13.21
C LEU A 249 -17.49 1.94 14.65
N ASP A 250 -18.10 1.22 15.58
CA ASP A 250 -17.96 1.51 17.00
C ASP A 250 -17.18 0.38 17.68
N VAL A 251 -16.08 0.72 18.34
CA VAL A 251 -15.28 -0.26 19.07
C VAL A 251 -16.01 -0.89 20.26
N GLU A 252 -16.93 -0.15 20.86
CA GLU A 252 -17.66 -0.63 22.04
C GLU A 252 -18.80 -1.60 21.70
N SER A 253 -19.14 -1.70 20.42
CA SER A 253 -20.20 -2.60 19.95
C SER A 253 -19.76 -4.06 19.97
N ASP A 254 -20.71 -4.95 20.30
CA ASP A 254 -20.50 -6.40 20.31
C ASP A 254 -20.74 -7.01 18.93
N LEU A 255 -21.34 -6.24 18.03
CA LEU A 255 -21.57 -6.67 16.65
C LEU A 255 -20.22 -6.85 15.94
N LYS A 256 -20.12 -7.84 15.05
CA LYS A 256 -18.89 -8.11 14.32
C LYS A 256 -19.13 -8.96 13.07
N PRO A 257 -18.27 -8.82 12.05
CA PRO A 257 -18.40 -9.62 10.84
C PRO A 257 -18.03 -11.08 11.12
N ASN A 258 -18.85 -11.97 10.63
CA ASN A 258 -18.64 -13.40 10.77
C ASN A 258 -18.74 -14.00 9.38
N HIS A 259 -17.73 -14.76 8.98
CA HIS A 259 -17.64 -15.24 7.60
C HIS A 259 -18.75 -16.24 7.24
N GLU A 260 -19.22 -17.05 8.20
CA GLU A 260 -20.34 -17.96 7.94
C GLU A 260 -21.64 -17.19 7.69
N GLU A 261 -21.85 -16.07 8.38
CA GLU A 261 -23.01 -15.23 8.12
C GLU A 261 -22.89 -14.51 6.78
N VAL A 262 -21.66 -14.16 6.40
CA VAL A 262 -21.37 -13.56 5.11
C VAL A 262 -21.73 -14.52 3.97
N LEU A 263 -21.31 -15.76 4.09
CA LEU A 263 -21.59 -16.77 3.08
C LEU A 263 -23.09 -17.06 3.03
N ALA A 264 -23.73 -17.08 4.19
CA ALA A 264 -25.17 -17.34 4.29
C ALA A 264 -25.98 -16.26 3.58
N THR A 265 -25.58 -15.01 3.75
CA THR A 265 -26.23 -13.88 3.09
C THR A 265 -26.11 -13.97 1.58
N GLY A 266 -24.93 -14.34 1.10
CA GLY A 266 -24.68 -14.50 -0.32
C GLY A 266 -25.53 -15.58 -0.93
N ALA A 267 -25.59 -16.72 -0.24
CA ALA A 267 -26.34 -17.87 -0.72
C ALA A 267 -27.84 -17.59 -0.76
N GLN A 268 -28.33 -16.78 0.19
CA GLN A 268 -29.74 -16.45 0.28
C GLN A 268 -30.18 -15.61 -0.92
N ARG A 269 -29.29 -14.73 -1.37
CA ARG A 269 -29.56 -13.83 -2.49
C ARG A 269 -29.20 -14.43 -3.85
N ALA A 270 -28.66 -15.64 -3.86
CA ALA A 270 -28.10 -16.22 -5.09
C ALA A 270 -29.11 -16.38 -6.23
N GLU A 271 -30.33 -16.77 -5.91
CA GLU A 271 -31.37 -16.95 -6.92
C GLU A 271 -31.73 -15.61 -7.57
N LEU A 272 -31.89 -14.58 -6.75
CA LEU A 272 -32.24 -13.25 -7.21
C LEU A 272 -31.11 -12.62 -8.03
N MET A 273 -29.87 -12.79 -7.56
CA MET A 273 -28.70 -12.25 -8.24
C MET A 273 -28.52 -12.91 -9.61
N GLN A 274 -28.78 -14.21 -9.66
CA GLN A 274 -28.69 -14.96 -10.90
C GLN A 274 -29.74 -14.51 -11.90
N SER A 275 -30.96 -14.33 -11.41
CA SER A 275 -32.08 -13.89 -12.24
C SER A 275 -31.82 -12.50 -12.80
N TRP A 276 -31.20 -11.66 -11.96
CA TRP A 276 -30.89 -10.29 -12.33
C TRP A 276 -29.88 -10.27 -13.47
N PHE A 277 -28.81 -11.03 -13.29
CA PHE A 277 -27.75 -11.12 -14.29
C PHE A 277 -28.30 -11.68 -15.61
N GLU A 278 -29.14 -12.71 -15.52
CA GLU A 278 -29.76 -13.33 -16.71
C GLU A 278 -30.61 -12.34 -17.48
N LYS A 279 -31.35 -11.50 -16.74
CA LYS A 279 -32.25 -10.53 -17.35
C LYS A 279 -31.52 -9.30 -17.87
N ILE A 280 -30.34 -9.01 -17.32
CA ILE A 280 -29.49 -7.96 -17.86
C ILE A 280 -28.97 -8.40 -19.22
N ILE A 281 -28.40 -9.60 -19.28
CA ILE A 281 -27.84 -10.16 -20.50
C ILE A 281 -28.93 -10.26 -21.59
N GLU A 282 -30.15 -10.56 -21.16
CA GLU A 282 -31.30 -10.65 -22.05
C GLU A 282 -31.56 -9.35 -22.81
N LYS A 283 -31.44 -8.22 -22.10
CA LYS A 283 -31.71 -6.90 -22.66
C LYS A 283 -30.49 -6.17 -23.28
N LEU A 284 -29.32 -6.79 -23.24
CA LEU A 284 -28.14 -6.19 -23.88
C LEU A 284 -28.37 -6.03 -25.38
N PRO A 285 -28.03 -4.87 -25.95
CA PRO A 285 -28.09 -4.68 -27.39
C PRO A 285 -27.37 -5.79 -28.16
N LYS A 286 -28.03 -6.32 -29.19
CA LYS A 286 -27.42 -7.30 -30.10
C LYS A 286 -27.09 -6.64 -31.43
N ASP A 287 -25.96 -7.02 -32.00
CA ASP A 287 -25.60 -6.61 -33.36
C ASP A 287 -25.77 -7.78 -34.31
N GLU B 3 9.78 -16.03 4.76
CA GLU B 3 10.99 -16.19 3.90
C GLU B 3 11.92 -17.24 4.49
N SER B 4 12.18 -17.14 5.79
CA SER B 4 13.03 -18.10 6.49
C SER B 4 12.38 -19.49 6.49
N VAL B 5 11.37 -19.67 7.33
CA VAL B 5 10.54 -20.89 7.32
C VAL B 5 9.07 -20.52 7.52
N THR B 6 8.20 -21.22 6.80
CA THR B 6 6.77 -20.96 6.84
C THR B 6 6.26 -21.12 8.26
N ALA B 7 5.45 -20.16 8.72
CA ALA B 7 4.91 -20.15 10.07
C ALA B 7 3.68 -21.06 10.17
N ASN B 8 3.82 -22.29 9.70
CA ASN B 8 2.75 -23.29 9.78
C ASN B 8 2.86 -24.05 11.09
N ILE B 9 1.88 -24.92 11.34
CA ILE B 9 1.79 -25.62 12.61
C ILE B 9 2.94 -26.59 12.85
N GLU B 10 3.50 -27.15 11.79
CA GLU B 10 4.62 -28.09 11.92
C GLU B 10 5.91 -27.39 12.34
N ASN B 11 6.26 -26.32 11.66
CA ASN B 11 7.48 -25.55 11.97
C ASN B 11 7.41 -24.87 13.33
N VAL B 12 6.25 -24.32 13.65
CA VAL B 12 6.01 -23.66 14.92
C VAL B 12 6.06 -24.68 16.07
N LYS B 13 5.50 -25.86 15.83
CA LYS B 13 5.53 -26.95 16.80
C LYS B 13 6.96 -27.33 17.15
N LYS B 14 7.82 -27.41 16.13
CA LYS B 14 9.21 -27.82 16.32
C LYS B 14 10.00 -26.79 17.13
N VAL B 15 9.77 -25.50 16.86
CA VAL B 15 10.42 -24.42 17.61
C VAL B 15 9.94 -24.42 19.05
N ALA B 16 8.64 -24.65 19.25
CA ALA B 16 8.06 -24.65 20.60
C ALA B 16 8.59 -25.82 21.43
N HIS B 17 8.79 -26.96 20.79
CA HIS B 17 9.24 -28.18 21.48
C HIS B 17 10.69 -28.03 21.93
N HIS B 18 11.51 -27.43 21.07
CA HIS B 18 12.91 -27.17 21.37
C HIS B 18 13.06 -26.22 22.56
N ILE B 19 12.25 -25.16 22.58
CA ILE B 19 12.25 -24.21 23.69
C ILE B 19 11.81 -24.86 25.00
N GLN B 20 10.87 -25.82 24.89
CA GLN B 20 10.35 -26.52 26.06
C GLN B 20 11.36 -27.48 26.70
N LYS B 21 12.40 -27.85 25.94
CA LYS B 21 13.54 -28.60 26.49
C LYS B 21 14.50 -27.70 27.26
N LEU B 22 14.63 -26.46 26.82
CA LEU B 22 15.54 -25.49 27.43
C LEU B 22 14.96 -24.80 28.68
N THR B 23 13.66 -24.95 28.92
CA THR B 23 13.02 -24.36 30.09
C THR B 23 11.73 -25.09 30.50
N SER B 24 11.47 -25.13 31.79
CA SER B 24 10.26 -25.75 32.34
C SER B 24 9.13 -24.72 32.52
N ILE B 25 9.46 -23.44 32.33
CA ILE B 25 8.50 -22.36 32.50
C ILE B 25 7.46 -22.42 31.39
N VAL B 26 6.19 -22.54 31.78
CA VAL B 26 5.07 -22.46 30.86
C VAL B 26 4.47 -21.05 30.95
N PRO B 27 4.80 -20.17 30.01
CA PRO B 27 4.36 -18.78 30.10
C PRO B 27 2.85 -18.62 29.88
N GLU B 28 2.22 -17.80 30.72
CA GLU B 28 0.83 -17.42 30.57
C GLU B 28 0.72 -16.04 29.89
N ILE B 29 1.78 -15.23 30.00
CA ILE B 29 1.79 -13.88 29.41
C ILE B 29 3.07 -13.67 28.58
N GLY B 30 2.90 -13.23 27.35
CA GLY B 30 4.01 -12.83 26.50
C GLY B 30 4.16 -11.32 26.52
N ILE B 31 5.39 -10.83 26.54
CA ILE B 31 5.66 -9.41 26.61
C ILE B 31 6.67 -9.01 25.54
N ILE B 32 6.34 -8.01 24.74
CA ILE B 32 7.28 -7.41 23.81
C ILE B 32 7.44 -5.97 24.22
N CYS B 33 8.60 -5.61 24.75
CA CYS B 33 8.87 -4.22 25.10
C CYS B 33 9.59 -3.54 23.94
N GLY B 34 9.09 -2.38 23.53
CA GLY B 34 9.67 -1.63 22.43
C GLY B 34 10.35 -0.37 22.89
N SER B 35 9.59 0.50 23.58
CA SER B 35 10.08 1.81 24.01
C SER B 35 10.70 1.77 25.41
N GLY B 36 9.87 1.47 26.41
CA GLY B 36 10.30 1.46 27.80
C GLY B 36 10.75 0.08 28.23
N LEU B 37 11.82 -0.42 27.59
CA LEU B 37 12.32 -1.78 27.82
C LEU B 37 13.53 -1.79 28.76
N GLY B 38 13.66 -0.77 29.61
CA GLY B 38 14.78 -0.66 30.53
C GLY B 38 14.87 -1.85 31.47
N LYS B 39 13.96 -1.88 32.43
CA LYS B 39 13.83 -3.04 33.33
C LYS B 39 12.70 -3.93 32.83
N LEU B 40 12.00 -4.60 33.75
CA LEU B 40 11.02 -5.66 33.45
C LEU B 40 11.74 -6.97 33.17
N ALA B 41 12.56 -7.01 32.11
CA ALA B 41 13.47 -8.13 31.87
C ALA B 41 14.53 -8.22 32.97
N ASP B 42 14.82 -7.08 33.62
CA ASP B 42 15.68 -7.07 34.80
C ASP B 42 14.92 -7.60 36.02
N GLY B 43 13.67 -7.18 36.16
CA GLY B 43 12.85 -7.50 37.32
C GLY B 43 12.23 -8.89 37.38
N VAL B 44 12.43 -9.71 36.35
CA VAL B 44 11.88 -11.07 36.34
C VAL B 44 12.67 -11.98 37.30
N LYS B 45 11.96 -12.64 38.20
CA LYS B 45 12.57 -13.55 39.17
C LYS B 45 12.78 -14.92 38.55
N ASP B 46 13.84 -15.60 38.97
CA ASP B 46 14.18 -16.94 38.48
C ASP B 46 14.25 -16.97 36.95
N LYS B 47 15.00 -16.02 36.38
CA LYS B 47 15.04 -15.85 34.93
C LYS B 47 15.88 -16.91 34.23
N ILE B 48 15.52 -17.17 32.97
CA ILE B 48 16.27 -18.06 32.10
C ILE B 48 16.35 -17.38 30.73
N THR B 49 17.55 -16.92 30.37
CA THR B 49 17.75 -16.21 29.12
C THR B 49 18.15 -17.19 28.02
N ILE B 50 17.29 -17.34 27.03
CA ILE B 50 17.53 -18.22 25.88
C ILE B 50 17.76 -17.34 24.64
N PRO B 51 18.99 -17.24 24.16
CA PRO B 51 19.26 -16.48 22.92
C PRO B 51 18.56 -17.09 21.71
N TYR B 52 18.21 -16.25 20.74
CA TYR B 52 17.54 -16.69 19.51
C TYR B 52 18.39 -17.69 18.72
N THR B 53 19.71 -17.53 18.77
CA THR B 53 20.65 -18.44 18.09
C THR B 53 20.61 -19.87 18.67
N LYS B 54 20.22 -19.98 19.94
CA LYS B 54 20.07 -21.28 20.59
C LYS B 54 18.85 -22.07 20.09
N ILE B 55 17.90 -21.40 19.46
CA ILE B 55 16.67 -22.01 18.96
C ILE B 55 16.70 -22.18 17.43
N PRO B 56 16.70 -23.42 16.94
CA PRO B 56 16.70 -23.66 15.48
C PRO B 56 15.38 -23.26 14.83
N ASN B 57 15.46 -22.63 13.66
CA ASN B 57 14.31 -22.10 12.91
C ASN B 57 13.65 -20.84 13.51
N PHE B 58 14.05 -20.45 14.71
CA PHE B 58 13.59 -19.19 15.29
C PHE B 58 14.33 -18.06 14.57
N PRO B 59 13.63 -16.98 14.22
CA PRO B 59 14.26 -15.88 13.47
C PRO B 59 15.38 -15.19 14.27
N GLN B 60 16.39 -14.70 13.58
CA GLN B 60 17.54 -14.07 14.24
C GLN B 60 17.68 -12.60 13.83
N THR B 61 18.04 -11.76 14.81
CA THR B 61 18.27 -10.34 14.57
C THR B 61 19.56 -10.11 13.80
N SER B 62 19.64 -8.97 13.12
CA SER B 62 20.78 -8.64 12.26
C SER B 62 21.87 -7.90 13.04
N VAL B 63 22.78 -8.67 13.64
CA VAL B 63 23.97 -8.14 14.30
C VAL B 63 23.68 -7.07 15.37
N VAL B 64 24.06 -5.82 15.10
CA VAL B 64 23.87 -4.70 16.06
C VAL B 64 24.75 -4.80 17.32
N GLY B 65 25.59 -5.84 17.42
CA GLY B 65 26.37 -6.11 18.62
C GLY B 65 25.56 -6.56 19.82
N HIS B 66 24.29 -6.93 19.59
CA HIS B 66 23.38 -7.31 20.67
C HIS B 66 22.19 -8.08 20.11
N SER B 67 22.32 -9.41 20.05
CA SER B 67 21.29 -10.26 19.48
C SER B 67 20.10 -10.45 20.44
N GLY B 68 19.04 -11.04 19.92
CA GLY B 68 17.80 -11.18 20.67
C GLY B 68 17.84 -12.29 21.71
N ASN B 69 17.00 -12.14 22.73
CA ASN B 69 16.80 -13.17 23.74
C ASN B 69 15.32 -13.38 24.08
N LEU B 70 15.00 -14.60 24.50
CA LEU B 70 13.69 -14.95 25.02
C LEU B 70 13.88 -15.20 26.51
N ILE B 71 13.32 -14.33 27.35
CA ILE B 71 13.51 -14.43 28.79
C ILE B 71 12.26 -15.00 29.47
N PHE B 72 12.39 -16.16 30.10
CA PHE B 72 11.31 -16.80 30.84
C PHE B 72 11.49 -16.56 32.33
N GLY B 73 10.39 -16.58 33.07
CA GLY B 73 10.45 -16.36 34.51
C GLY B 73 9.11 -15.98 35.10
N THR B 74 9.14 -15.26 36.23
CA THR B 74 7.91 -14.82 36.89
C THR B 74 7.93 -13.31 37.11
N LEU B 75 6.75 -12.70 36.98
CA LEU B 75 6.57 -11.27 37.18
C LEU B 75 5.31 -11.06 38.00
N SER B 76 5.46 -10.49 39.18
CA SER B 76 4.34 -10.29 40.10
C SER B 76 3.45 -11.54 40.17
N GLY B 77 4.09 -12.68 40.42
CA GLY B 77 3.38 -13.93 40.67
C GLY B 77 2.79 -14.66 39.47
N ARG B 78 3.25 -14.34 38.26
CA ARG B 78 2.75 -14.98 37.04
C ARG B 78 3.90 -15.41 36.14
N LYS B 79 3.76 -16.55 35.46
CA LYS B 79 4.78 -17.00 34.52
C LYS B 79 4.71 -16.18 33.24
N VAL B 80 5.87 -15.71 32.77
CA VAL B 80 5.93 -14.84 31.59
C VAL B 80 7.08 -15.21 30.65
N VAL B 81 6.97 -14.77 29.40
CA VAL B 81 8.03 -14.85 28.42
C VAL B 81 8.17 -13.48 27.77
N VAL B 82 9.36 -12.90 27.85
CA VAL B 82 9.64 -11.57 27.31
C VAL B 82 10.45 -11.73 26.02
N MET B 83 10.06 -10.99 24.99
CA MET B 83 10.76 -10.97 23.72
C MET B 83 11.64 -9.73 23.70
N GLN B 84 12.94 -9.93 23.73
CA GLN B 84 13.93 -8.87 23.62
C GLN B 84 14.57 -9.03 22.25
N GLY B 85 14.27 -8.10 21.34
CA GLY B 85 14.67 -8.23 19.95
C GLY B 85 13.48 -8.44 19.03
N ARG B 86 13.04 -7.36 18.37
CA ARG B 86 11.87 -7.39 17.51
C ARG B 86 12.24 -7.44 16.02
N PHE B 87 11.27 -7.88 15.23
CA PHE B 87 11.40 -7.94 13.78
C PHE B 87 10.38 -7.01 13.15
N HIS B 88 10.87 -5.85 12.69
CA HIS B 88 10.03 -4.81 12.13
C HIS B 88 10.04 -4.91 10.61
N MET B 89 8.90 -4.63 9.99
CA MET B 89 8.75 -4.81 8.56
C MET B 89 9.62 -3.86 7.73
N TYR B 90 9.92 -2.67 8.25
CA TYR B 90 10.80 -1.73 7.54
C TYR B 90 12.22 -2.26 7.38
N GLU B 91 12.61 -3.25 8.19
CA GLU B 91 13.91 -3.90 8.02
C GLU B 91 13.95 -4.89 6.85
N GLY B 92 12.78 -5.24 6.33
CA GLY B 92 12.67 -6.17 5.22
C GLY B 92 12.36 -7.60 5.64
N TYR B 93 11.98 -7.79 6.90
CA TYR B 93 11.60 -9.13 7.38
C TYR B 93 10.29 -9.56 6.73
N SER B 94 10.16 -10.87 6.48
CA SER B 94 8.98 -11.43 5.84
C SER B 94 7.84 -11.59 6.84
N ASN B 95 6.66 -11.85 6.31
CA ASN B 95 5.48 -12.10 7.13
C ASN B 95 5.70 -13.30 8.06
N ASP B 96 6.31 -14.35 7.55
CA ASP B 96 6.54 -15.58 8.33
C ASP B 96 7.52 -15.33 9.46
N THR B 97 8.48 -14.44 9.24
CA THR B 97 9.47 -14.10 10.26
C THR B 97 8.80 -13.40 11.45
N VAL B 98 7.93 -12.43 11.16
CA VAL B 98 7.22 -11.70 12.20
C VAL B 98 6.16 -12.57 12.88
N ALA B 99 5.50 -13.44 12.12
CA ALA B 99 4.40 -14.23 12.64
C ALA B 99 4.88 -15.39 13.51
N LEU B 100 6.02 -15.98 13.18
CA LEU B 100 6.44 -17.21 13.87
C LEU B 100 6.58 -17.04 15.39
N PRO B 101 7.29 -16.00 15.87
CA PRO B 101 7.41 -15.79 17.32
C PRO B 101 6.08 -15.75 18.06
N ILE B 102 5.06 -15.09 17.51
CA ILE B 102 3.77 -14.95 18.17
C ILE B 102 3.06 -16.29 18.24
N ARG B 103 3.15 -17.05 17.14
CA ARG B 103 2.58 -18.39 17.10
C ARG B 103 3.29 -19.38 18.01
N VAL B 104 4.58 -19.17 18.23
CA VAL B 104 5.35 -19.96 19.19
C VAL B 104 4.84 -19.65 20.60
N MET B 105 4.63 -18.38 20.90
CA MET B 105 4.04 -18.00 22.18
C MET B 105 2.72 -18.74 22.42
N LYS B 106 1.91 -18.86 21.37
CA LYS B 106 0.62 -19.53 21.48
C LYS B 106 0.79 -20.98 21.94
N LEU B 107 1.72 -21.67 21.30
CA LEU B 107 1.97 -23.09 21.57
C LEU B 107 2.59 -23.30 22.95
N LEU B 108 3.35 -22.30 23.41
CA LEU B 108 4.02 -22.37 24.70
C LEU B 108 3.05 -22.16 25.87
N GLY B 109 1.88 -21.58 25.58
CA GLY B 109 0.82 -21.40 26.56
C GLY B 109 0.38 -19.97 26.81
N VAL B 110 0.91 -19.02 26.03
CA VAL B 110 0.56 -17.61 26.19
C VAL B 110 -0.91 -17.37 25.85
N LYS B 111 -1.60 -16.71 26.78
CA LYS B 111 -3.00 -16.32 26.63
C LYS B 111 -3.16 -14.81 26.48
N ILE B 112 -2.21 -14.03 27.02
CA ILE B 112 -2.22 -12.57 26.93
C ILE B 112 -0.86 -12.06 26.43
N LEU B 113 -0.90 -11.15 25.46
CA LEU B 113 0.29 -10.52 24.90
C LEU B 113 0.24 -9.05 25.29
N MET B 114 1.32 -8.57 25.91
CA MET B 114 1.45 -7.17 26.29
C MET B 114 2.58 -6.56 25.48
N VAL B 115 2.31 -5.46 24.79
CA VAL B 115 3.27 -4.83 23.90
C VAL B 115 3.36 -3.35 24.19
N SER B 116 4.57 -2.81 24.21
CA SER B 116 4.77 -1.37 24.23
C SER B 116 5.55 -0.96 22.98
N ASN B 117 5.35 0.28 22.56
CA ASN B 117 6.05 0.83 21.42
C ASN B 117 6.23 2.33 21.55
N ALA B 118 6.99 2.90 20.62
CA ALA B 118 7.19 4.34 20.53
C ALA B 118 6.43 4.86 19.33
N ALA B 119 5.76 6.00 19.51
CA ALA B 119 4.88 6.57 18.48
C ALA B 119 4.92 8.09 18.46
N GLY B 120 4.56 8.65 17.31
CA GLY B 120 4.33 10.08 17.18
C GLY B 120 2.91 10.41 17.60
N GLY B 121 2.77 11.45 18.42
CA GLY B 121 1.46 11.93 18.83
C GLY B 121 0.79 12.78 17.77
N LEU B 122 -0.38 12.35 17.32
CA LEU B 122 -1.18 13.09 16.34
C LEU B 122 -2.27 13.92 17.03
N ASN B 123 -3.03 13.28 17.92
CA ASN B 123 -4.05 13.95 18.74
C ASN B 123 -3.44 15.17 19.43
N ARG B 124 -4.04 16.33 19.23
CA ARG B 124 -3.47 17.61 19.70
C ARG B 124 -3.40 17.79 21.22
N SER B 125 -4.09 16.94 21.98
CA SER B 125 -4.06 17.04 23.45
C SER B 125 -2.94 16.19 24.09
N LEU B 126 -2.23 15.41 23.27
CA LEU B 126 -1.11 14.61 23.77
C LEU B 126 0.14 15.46 24.00
N LYS B 127 0.94 15.03 24.96
CA LYS B 127 2.22 15.66 25.26
C LYS B 127 3.31 14.61 25.21
N LEU B 128 4.55 15.04 25.01
CA LEU B 128 5.69 14.12 25.04
C LEU B 128 5.71 13.38 26.37
N GLY B 129 5.87 12.06 26.30
CA GLY B 129 5.98 11.22 27.48
C GLY B 129 4.68 10.54 27.87
N ASP B 130 3.56 10.96 27.28
CA ASP B 130 2.25 10.38 27.57
C ASP B 130 2.17 8.92 27.16
N PHE B 131 1.31 8.17 27.85
CA PHE B 131 0.97 6.81 27.49
C PHE B 131 -0.36 6.80 26.75
N VAL B 132 -0.41 6.07 25.64
CA VAL B 132 -1.64 5.96 24.84
C VAL B 132 -1.94 4.48 24.67
N ILE B 133 -2.90 3.98 25.44
CA ILE B 133 -3.38 2.63 25.31
C ILE B 133 -4.08 2.52 23.95
N LEU B 134 -3.75 1.51 23.17
CA LEU B 134 -4.43 1.28 21.90
C LEU B 134 -5.79 0.67 22.15
N LYS B 135 -6.84 1.34 21.68
CA LYS B 135 -8.19 0.79 21.72
C LYS B 135 -8.65 0.31 20.33
N ASP B 136 -7.90 0.71 19.30
CA ASP B 136 -8.13 0.26 17.93
C ASP B 136 -6.92 0.61 17.07
N HIS B 137 -6.91 0.15 15.82
CA HIS B 137 -5.86 0.52 14.89
C HIS B 137 -6.34 0.73 13.47
N ILE B 138 -5.51 1.39 12.69
CA ILE B 138 -5.64 1.43 11.24
C ILE B 138 -4.35 0.88 10.63
N TYR B 139 -4.49 -0.24 9.92
CA TYR B 139 -3.38 -1.02 9.39
C TYR B 139 -3.19 -0.62 7.93
N LEU B 140 -2.51 0.50 7.70
CA LEU B 140 -2.39 1.01 6.34
C LEU B 140 -1.72 0.02 5.39
N PRO B 141 -0.62 -0.60 5.79
CA PRO B 141 -0.04 -1.67 4.97
C PRO B 141 -1.02 -2.81 4.71
N GLY B 142 -1.82 -3.19 5.70
CA GLY B 142 -2.82 -4.25 5.55
C GLY B 142 -3.91 -3.93 4.54
N LEU B 143 -4.43 -2.70 4.57
CA LEU B 143 -5.43 -2.25 3.60
C LEU B 143 -4.84 -2.23 2.20
N GLY B 144 -3.54 -1.96 2.11
CA GLY B 144 -2.84 -1.82 0.85
C GLY B 144 -2.20 -3.08 0.30
N LEU B 145 -2.59 -4.24 0.82
CA LEU B 145 -2.19 -5.55 0.30
C LEU B 145 -0.83 -6.04 0.86
N ASN B 146 -0.37 -5.44 1.96
CA ASN B 146 0.78 -5.94 2.70
C ASN B 146 0.38 -6.38 4.13
N ASN B 147 -0.81 -6.97 4.25
CA ASN B 147 -1.26 -7.57 5.51
C ASN B 147 -0.41 -8.79 5.80
N ILE B 148 0.00 -8.95 7.06
CA ILE B 148 0.85 -10.06 7.48
C ILE B 148 0.23 -11.43 7.19
N LEU B 149 -1.09 -11.51 7.14
CA LEU B 149 -1.78 -12.78 6.86
C LEU B 149 -1.90 -13.15 5.38
N VAL B 150 -1.48 -12.27 4.47
CA VAL B 150 -1.51 -12.56 3.03
C VAL B 150 -0.70 -13.83 2.75
N GLY B 151 -1.25 -14.71 1.91
CA GLY B 151 -0.71 -16.03 1.68
C GLY B 151 -1.70 -17.09 2.15
N PRO B 152 -1.37 -18.36 1.95
CA PRO B 152 -2.19 -19.47 2.44
C PRO B 152 -2.49 -19.32 3.94
N ASN B 153 -3.74 -19.54 4.35
CA ASN B 153 -4.11 -19.51 5.76
C ASN B 153 -3.64 -20.77 6.46
N GLN B 154 -3.07 -20.59 7.65
CA GLN B 154 -2.70 -21.69 8.52
C GLN B 154 -3.88 -21.98 9.45
N GLU B 155 -4.73 -22.92 9.03
CA GLU B 155 -6.00 -23.20 9.70
C GLU B 155 -5.83 -23.71 11.13
N ALA B 156 -4.70 -24.35 11.43
CA ALA B 156 -4.41 -24.82 12.78
C ALA B 156 -4.30 -23.68 13.79
N PHE B 157 -3.98 -22.48 13.33
CA PHE B 157 -3.91 -21.30 14.19
C PHE B 157 -5.19 -20.47 14.18
N GLY B 158 -5.82 -20.33 13.02
CA GLY B 158 -7.00 -19.50 12.91
C GLY B 158 -7.70 -19.53 11.57
N THR B 159 -8.75 -18.72 11.48
CA THR B 159 -9.64 -18.71 10.34
C THR B 159 -9.09 -17.82 9.20
N ARG B 160 -9.61 -18.04 8.00
CA ARG B 160 -9.13 -17.31 6.82
C ARG B 160 -9.38 -15.81 6.94
N PHE B 161 -10.57 -15.44 7.39
CA PHE B 161 -11.00 -14.05 7.46
C PHE B 161 -11.28 -13.66 8.92
N PRO B 162 -10.24 -13.37 9.69
CA PRO B 162 -10.43 -12.99 11.09
C PRO B 162 -11.09 -11.63 11.25
N ALA B 163 -12.03 -11.55 12.20
CA ALA B 163 -12.60 -10.29 12.63
C ALA B 163 -11.63 -9.68 13.64
N LEU B 164 -11.64 -8.36 13.70
CA LEU B 164 -10.81 -7.62 14.64
C LEU B 164 -11.69 -6.80 15.58
N SER B 165 -12.72 -7.47 16.09
CA SER B 165 -13.62 -6.93 17.11
C SER B 165 -13.02 -7.15 18.50
N ASN B 166 -13.02 -6.09 19.30
CA ASN B 166 -12.39 -6.10 20.63
C ASN B 166 -10.95 -6.61 20.52
N ALA B 167 -10.26 -6.21 19.44
CA ALA B 167 -8.87 -6.61 19.22
C ALA B 167 -8.00 -6.21 20.41
N TYR B 168 -8.22 -5.01 20.92
CA TYR B 168 -7.54 -4.54 22.11
C TYR B 168 -8.50 -4.70 23.28
N ASP B 169 -8.43 -5.86 23.89
CA ASP B 169 -9.38 -6.30 24.91
C ASP B 169 -9.81 -5.18 25.84
N ARG B 170 -11.12 -4.93 25.91
CA ARG B 170 -11.65 -3.80 26.65
C ARG B 170 -11.46 -3.96 28.16
N ASP B 171 -11.53 -5.20 28.64
CA ASP B 171 -11.32 -5.48 30.06
C ASP B 171 -9.88 -5.23 30.50
N LEU B 172 -8.93 -5.53 29.61
CA LEU B 172 -7.51 -5.29 29.91
C LEU B 172 -7.18 -3.80 29.92
N ARG B 173 -7.83 -3.04 29.04
CA ARG B 173 -7.65 -1.59 28.99
C ARG B 173 -8.24 -0.93 30.23
N LYS B 174 -9.38 -1.43 30.70
CA LYS B 174 -10.03 -0.88 31.89
C LYS B 174 -9.19 -1.15 33.13
N LEU B 175 -8.59 -2.33 33.21
CA LEU B 175 -7.69 -2.69 34.29
C LEU B 175 -6.44 -1.81 34.24
N ALA B 176 -5.89 -1.61 33.04
CA ALA B 176 -4.69 -0.80 32.89
C ALA B 176 -4.93 0.62 33.37
N VAL B 177 -6.11 1.15 33.08
CA VAL B 177 -6.48 2.51 33.49
C VAL B 177 -6.68 2.58 35.01
N GLN B 178 -7.26 1.53 35.58
CA GLN B 178 -7.47 1.45 37.03
C GLN B 178 -6.13 1.44 37.78
N VAL B 179 -5.15 0.71 37.27
CA VAL B 179 -3.84 0.59 37.90
C VAL B 179 -3.07 1.91 37.83
N ALA B 180 -3.18 2.63 36.72
CA ALA B 180 -2.46 3.89 36.55
C ALA B 180 -2.99 4.96 37.52
N GLU B 181 -4.31 5.05 37.62
CA GLU B 181 -4.96 6.05 38.48
C GLU B 181 -4.79 5.73 39.97
N GLU B 182 -4.65 4.45 40.26
CA GLU B 182 -4.42 3.91 41.60
C GLU B 182 -3.02 4.21 42.11
N ASN B 183 -2.09 4.32 41.16
CA ASN B 183 -0.68 4.52 41.44
C ASN B 183 -0.16 5.91 41.11
N GLY B 184 -1.08 6.85 40.86
CA GLY B 184 -0.73 8.25 40.75
C GLY B 184 -0.34 8.80 39.39
N PHE B 185 -0.18 7.95 38.38
CA PHE B 185 0.18 8.43 37.03
C PHE B 185 -0.95 8.28 36.01
N GLY B 186 -2.20 8.38 36.48
CA GLY B 186 -3.37 8.30 35.62
C GLY B 186 -3.51 9.48 34.68
N ASN B 187 -2.96 10.63 35.07
CA ASN B 187 -2.97 11.83 34.23
C ASN B 187 -2.13 11.71 32.95
N LEU B 188 -1.23 10.73 32.92
CA LEU B 188 -0.42 10.45 31.74
C LEU B 188 -1.14 9.56 30.73
N VAL B 189 -2.15 8.82 31.17
CA VAL B 189 -2.76 7.75 30.37
C VAL B 189 -3.94 8.22 29.52
N HIS B 190 -3.84 7.95 28.22
CA HIS B 190 -4.91 8.20 27.25
C HIS B 190 -5.25 6.88 26.56
N GLN B 191 -6.35 6.88 25.81
CA GLN B 191 -6.68 5.77 24.92
C GLN B 191 -6.88 6.35 23.51
N GLY B 192 -6.47 5.59 22.50
CA GLY B 192 -6.49 6.10 21.14
C GLY B 192 -6.34 5.05 20.06
N VAL B 193 -6.43 5.53 18.82
CA VAL B 193 -6.27 4.73 17.62
C VAL B 193 -4.84 4.89 17.14
N TYR B 194 -4.19 3.75 16.87
CA TYR B 194 -2.83 3.71 16.37
C TYR B 194 -2.89 3.39 14.90
N VAL B 195 -2.25 4.21 14.08
CA VAL B 195 -2.10 3.92 12.66
C VAL B 195 -0.66 3.50 12.38
N MET B 196 -0.50 2.48 11.56
CA MET B 196 0.81 2.01 11.17
C MET B 196 1.28 2.70 9.90
N ASN B 197 2.40 3.41 10.03
CA ASN B 197 3.23 3.81 8.91
C ASN B 197 4.33 2.75 8.73
N GLY B 198 4.33 2.05 7.60
CA GLY B 198 5.28 0.99 7.34
C GLY B 198 6.73 1.43 7.52
N GLY B 199 7.00 2.69 7.21
CA GLY B 199 8.27 3.32 7.56
C GLY B 199 9.33 2.95 6.56
N PRO B 200 10.60 3.25 6.85
CA PRO B 200 11.10 3.77 8.13
C PRO B 200 11.17 5.30 8.28
N CYS B 201 10.72 6.07 7.29
CA CYS B 201 10.72 7.53 7.41
C CYS B 201 9.73 7.96 8.48
N TYR B 202 10.08 9.00 9.25
CA TYR B 202 9.09 9.68 10.05
C TYR B 202 8.10 10.37 9.10
N GLU B 203 6.95 10.75 9.65
CA GLU B 203 5.83 11.24 8.87
C GLU B 203 6.01 12.74 8.62
N THR B 204 5.68 13.18 7.41
CA THR B 204 5.77 14.59 7.05
C THR B 204 4.59 15.29 7.71
N PRO B 205 4.63 16.62 7.82
CA PRO B 205 3.50 17.37 8.35
C PRO B 205 2.20 17.05 7.61
N ALA B 206 2.26 16.91 6.30
CA ALA B 206 1.06 16.69 5.50
C ALA B 206 0.51 15.30 5.77
N GLU B 207 1.40 14.31 5.92
CA GLU B 207 1.00 12.97 6.31
C GLU B 207 0.35 12.95 7.70
N CYS B 208 0.95 13.67 8.65
CA CYS B 208 0.41 13.74 10.00
C CYS B 208 -0.98 14.37 10.00
N THR B 209 -1.17 15.43 9.21
CA THR B 209 -2.47 16.06 9.09
C THR B 209 -3.49 15.07 8.51
N MET B 210 -3.13 14.38 7.44
CA MET B 210 -4.02 13.38 6.83
C MET B 210 -4.41 12.30 7.86
N LEU B 211 -3.42 11.79 8.57
CA LEU B 211 -3.63 10.69 9.53
C LEU B 211 -4.52 11.14 10.68
N LEU B 212 -4.32 12.37 11.16
CA LEU B 212 -5.13 12.91 12.24
C LEU B 212 -6.59 12.99 11.80
N ASN B 213 -6.81 13.42 10.56
CA ASN B 213 -8.16 13.58 10.02
C ASN B 213 -8.80 12.25 9.64
N MET B 214 -7.99 11.19 9.51
CA MET B 214 -8.51 9.82 9.35
C MET B 214 -9.09 9.27 10.66
N GLY B 215 -8.77 9.91 11.78
CA GLY B 215 -9.25 9.50 13.09
C GLY B 215 -8.17 8.84 13.95
N CYS B 216 -6.91 9.09 13.64
CA CYS B 216 -5.79 8.46 14.34
C CYS B 216 -5.25 9.40 15.43
N ASP B 217 -4.83 8.81 16.55
CA ASP B 217 -4.29 9.53 17.70
C ASP B 217 -2.77 9.41 17.80
N VAL B 218 -2.24 8.28 17.40
CA VAL B 218 -0.79 8.09 17.35
C VAL B 218 -0.42 7.32 16.09
N VAL B 219 0.85 7.43 15.71
CA VAL B 219 1.37 6.76 14.53
C VAL B 219 2.71 6.09 14.85
N GLY B 220 2.88 4.85 14.40
CA GLY B 220 4.15 4.16 14.55
C GLY B 220 4.41 3.17 13.45
N MET B 221 5.54 2.47 13.52
CA MET B 221 6.00 1.63 12.42
C MET B 221 5.97 0.15 12.74
N SER B 222 5.24 -0.22 13.78
CA SER B 222 5.26 -1.60 14.26
C SER B 222 3.94 -2.03 14.89
N THR B 223 3.98 -3.19 15.55
CA THR B 223 2.98 -3.61 16.52
C THR B 223 1.76 -4.27 15.88
N ILE B 224 1.16 -3.62 14.89
CA ILE B 224 -0.09 -4.13 14.30
C ILE B 224 0.07 -5.52 13.70
N PRO B 225 1.14 -5.81 12.98
CA PRO B 225 1.31 -7.15 12.41
C PRO B 225 1.28 -8.22 13.49
N GLU B 226 1.95 -7.96 14.61
CA GLU B 226 1.99 -8.88 15.74
C GLU B 226 0.59 -9.05 16.36
N VAL B 227 -0.12 -7.94 16.50
CA VAL B 227 -1.48 -7.92 17.04
C VAL B 227 -2.41 -8.75 16.17
N VAL B 228 -2.29 -8.62 14.86
CA VAL B 228 -3.11 -9.37 13.92
C VAL B 228 -2.86 -10.87 14.04
N ILE B 229 -1.59 -11.28 14.15
CA ILE B 229 -1.27 -12.70 14.33
C ILE B 229 -1.81 -13.20 15.67
N ALA B 230 -1.69 -12.39 16.70
CA ALA B 230 -2.14 -12.75 18.04
C ALA B 230 -3.65 -12.99 18.07
N ARG B 231 -4.41 -12.05 17.53
CA ARG B 231 -5.86 -12.17 17.49
C ARG B 231 -6.31 -13.34 16.62
N HIS B 232 -5.55 -13.61 15.56
CA HIS B 232 -5.86 -14.69 14.63
C HIS B 232 -5.81 -16.03 15.36
N CYS B 233 -4.86 -16.19 16.27
CA CYS B 233 -4.74 -17.43 17.04
C CYS B 233 -5.34 -17.38 18.46
N GLY B 234 -6.05 -16.30 18.79
CA GLY B 234 -6.84 -16.22 20.00
C GLY B 234 -6.15 -15.72 21.25
N ILE B 235 -5.04 -15.01 21.09
CA ILE B 235 -4.33 -14.39 22.20
C ILE B 235 -4.91 -13.01 22.43
N GLN B 236 -5.31 -12.71 23.66
CA GLN B 236 -5.76 -11.37 24.02
C GLN B 236 -4.58 -10.40 23.99
N VAL B 237 -4.85 -9.15 23.63
CA VAL B 237 -3.80 -8.18 23.43
C VAL B 237 -4.04 -6.92 24.26
N PHE B 238 -2.98 -6.47 24.91
CA PHE B 238 -2.90 -5.15 25.52
C PHE B 238 -1.69 -4.43 24.91
N ALA B 239 -1.90 -3.26 24.34
CA ALA B 239 -0.81 -2.52 23.71
C ALA B 239 -0.83 -1.05 24.10
N VAL B 240 0.34 -0.47 24.31
CA VAL B 240 0.49 0.93 24.70
C VAL B 240 1.60 1.61 23.91
N SER B 241 1.31 2.82 23.43
CA SER B 241 2.31 3.68 22.82
C SER B 241 2.82 4.73 23.81
N LEU B 242 4.12 4.91 23.85
CA LEU B 242 4.74 6.04 24.54
C LEU B 242 4.94 7.11 23.47
N VAL B 243 4.45 8.31 23.72
CA VAL B 243 4.60 9.42 22.77
C VAL B 243 6.03 9.98 22.84
N THR B 244 6.86 9.61 21.87
CA THR B 244 8.27 10.01 21.84
C THR B 244 8.57 11.16 20.86
N ASN B 245 7.62 11.49 20.00
CA ASN B 245 7.72 12.71 19.18
C ASN B 245 6.34 13.33 18.97
N ILE B 246 6.26 14.66 19.10
CA ILE B 246 5.01 15.36 18.80
C ILE B 246 5.08 15.83 17.37
N SER B 247 4.07 15.44 16.61
CA SER B 247 4.03 15.68 15.19
C SER B 247 3.77 17.15 14.86
N VAL B 248 4.61 17.73 14.02
CA VAL B 248 4.35 19.04 13.43
C VAL B 248 3.37 18.86 12.26
N LEU B 249 2.34 19.70 12.20
CA LEU B 249 1.21 19.50 11.26
C LEU B 249 1.26 20.37 9.99
N ASP B 250 2.08 21.42 10.01
CA ASP B 250 2.23 22.32 8.86
C ASP B 250 3.71 22.59 8.63
N VAL B 251 4.13 22.57 7.37
CA VAL B 251 5.53 22.79 7.02
C VAL B 251 6.04 24.20 7.38
N GLU B 252 5.13 25.17 7.54
CA GLU B 252 5.48 26.55 7.93
C GLU B 252 6.23 26.65 9.28
N SER B 253 5.89 25.77 10.22
CA SER B 253 6.53 25.77 11.54
C SER B 253 7.98 25.29 11.44
N ALA B 267 13.68 5.74 27.92
CA ALA B 267 14.66 5.99 28.98
C ALA B 267 14.06 6.85 30.09
N GLN B 268 13.40 7.94 29.72
CA GLN B 268 12.76 8.84 30.69
C GLN B 268 11.54 8.21 31.34
N ARG B 269 10.71 7.56 30.53
CA ARG B 269 9.52 6.85 31.01
C ARG B 269 9.76 5.34 31.13
N ALA B 270 11.01 4.91 31.00
CA ALA B 270 11.36 3.50 31.00
C ALA B 270 11.00 2.81 32.31
N GLU B 271 11.33 3.47 33.43
CA GLU B 271 11.10 2.92 34.76
C GLU B 271 9.62 2.96 35.18
N LEU B 272 8.88 3.94 34.66
CA LEU B 272 7.46 4.07 34.96
C LEU B 272 6.61 3.12 34.14
N MET B 273 7.07 2.79 32.93
CA MET B 273 6.33 1.89 32.04
C MET B 273 6.47 0.44 32.49
N GLN B 274 7.70 0.03 32.80
CA GLN B 274 7.97 -1.30 33.34
C GLN B 274 7.26 -1.52 34.68
N SER B 275 7.11 -0.47 35.47
CA SER B 275 6.41 -0.55 36.74
C SER B 275 4.91 -0.73 36.53
N TRP B 276 4.37 0.02 35.58
CA TRP B 276 2.96 -0.08 35.20
C TRP B 276 2.62 -1.48 34.72
N PHE B 277 3.48 -2.03 33.86
CA PHE B 277 3.27 -3.38 33.31
C PHE B 277 3.34 -4.43 34.41
N GLU B 278 4.27 -4.23 35.35
CA GLU B 278 4.44 -5.15 36.47
C GLU B 278 3.18 -5.18 37.35
N LYS B 279 2.60 -4.01 37.58
CA LYS B 279 1.43 -3.87 38.44
C LYS B 279 0.15 -4.34 37.73
N ILE B 280 0.12 -4.24 36.41
CA ILE B 280 -1.02 -4.77 35.64
C ILE B 280 -1.05 -6.28 35.76
N ILE B 281 0.11 -6.91 35.60
CA ILE B 281 0.23 -8.36 35.62
C ILE B 281 -0.15 -8.91 36.99
N GLU B 282 0.19 -8.16 38.03
CA GLU B 282 -0.18 -8.50 39.41
C GLU B 282 -1.69 -8.65 39.55
N LYS B 283 -2.44 -7.76 38.90
CA LYS B 283 -3.90 -7.72 39.00
C LYS B 283 -4.65 -8.53 37.93
N LEU B 284 -3.92 -9.16 37.00
CA LEU B 284 -4.55 -9.93 35.93
C LEU B 284 -5.29 -11.14 36.50
N PRO B 285 -6.44 -11.49 35.92
CA PRO B 285 -7.15 -12.71 36.32
C PRO B 285 -6.32 -13.95 36.01
N LYS B 286 -6.42 -14.95 36.89
CA LYS B 286 -5.67 -16.20 36.72
C LYS B 286 -6.62 -17.38 36.79
N ASP B 287 -6.50 -18.29 35.82
CA ASP B 287 -7.36 -19.47 35.71
C ASP B 287 -7.03 -20.48 36.79
N GLU C 3 16.52 -7.52 -7.98
CA GLU C 3 16.49 -6.09 -7.58
C GLU C 3 17.74 -5.30 -8.04
N SER C 4 18.55 -5.92 -8.92
CA SER C 4 19.80 -5.32 -9.39
C SER C 4 20.84 -5.28 -8.26
N VAL C 5 21.85 -4.42 -8.41
CA VAL C 5 22.90 -4.32 -7.40
C VAL C 5 22.46 -3.46 -6.22
N THR C 6 22.78 -3.93 -5.01
CA THR C 6 22.45 -3.22 -3.78
C THR C 6 23.11 -1.84 -3.83
N ALA C 7 22.35 -0.82 -3.42
CA ALA C 7 22.85 0.55 -3.39
C ALA C 7 23.65 0.79 -2.11
N ASN C 8 24.66 -0.06 -1.90
CA ASN C 8 25.55 0.07 -0.75
C ASN C 8 26.75 0.92 -1.15
N ILE C 9 27.65 1.18 -0.20
CA ILE C 9 28.75 2.11 -0.42
C ILE C 9 29.73 1.55 -1.46
N GLU C 10 29.94 0.25 -1.43
CA GLU C 10 30.91 -0.41 -2.32
C GLU C 10 30.48 -0.27 -3.78
N ASN C 11 29.24 -0.67 -4.06
CA ASN C 11 28.70 -0.61 -5.41
C ASN C 11 28.54 0.81 -5.93
N VAL C 12 28.09 1.72 -5.06
CA VAL C 12 27.87 3.11 -5.45
C VAL C 12 29.19 3.79 -5.76
N LYS C 13 30.22 3.52 -4.96
CA LYS C 13 31.54 4.06 -5.20
C LYS C 13 32.08 3.58 -6.55
N LYS C 14 31.88 2.30 -6.85
CA LYS C 14 32.37 1.71 -8.10
C LYS C 14 31.80 2.44 -9.31
N VAL C 15 30.50 2.71 -9.26
CA VAL C 15 29.82 3.40 -10.34
C VAL C 15 30.32 4.85 -10.44
N ALA C 16 30.46 5.51 -9.29
CA ALA C 16 30.94 6.90 -9.25
C ALA C 16 32.33 7.02 -9.86
N HIS C 17 33.20 6.06 -9.56
CA HIS C 17 34.58 6.10 -10.04
C HIS C 17 34.62 5.87 -11.55
N HIS C 18 33.77 4.98 -12.04
CA HIS C 18 33.64 4.74 -13.48
C HIS C 18 33.27 6.02 -14.21
N ILE C 19 32.31 6.76 -13.66
CA ILE C 19 31.86 8.03 -14.24
C ILE C 19 32.96 9.09 -14.21
N GLN C 20 33.74 9.10 -13.13
CA GLN C 20 34.77 10.13 -12.92
C GLN C 20 35.96 9.98 -13.87
N LYS C 21 36.10 8.80 -14.47
CA LYS C 21 37.09 8.57 -15.52
C LYS C 21 36.60 9.11 -16.87
N LEU C 22 35.28 9.22 -16.99
CA LEU C 22 34.62 9.66 -18.24
C LEU C 22 34.38 11.18 -18.30
N THR C 23 34.49 11.85 -17.17
CA THR C 23 34.30 13.30 -17.12
C THR C 23 35.10 13.95 -16.01
N SER C 24 35.48 15.21 -16.23
CA SER C 24 36.19 16.02 -15.24
C SER C 24 35.25 17.03 -14.56
N ILE C 25 33.98 17.05 -14.97
CA ILE C 25 32.99 17.89 -14.32
C ILE C 25 32.61 17.27 -12.98
N VAL C 26 32.87 18.01 -11.91
CA VAL C 26 32.44 17.64 -10.57
C VAL C 26 31.12 18.38 -10.32
N PRO C 27 29.99 17.69 -10.39
CA PRO C 27 28.69 18.36 -10.31
C PRO C 27 28.36 18.88 -8.91
N GLU C 28 27.80 20.08 -8.86
CA GLU C 28 27.27 20.69 -7.66
C GLU C 28 25.76 20.51 -7.57
N ILE C 29 25.09 20.54 -8.72
CA ILE C 29 23.63 20.42 -8.78
C ILE C 29 23.27 19.21 -9.64
N GLY C 30 22.40 18.35 -9.11
CA GLY C 30 21.83 17.25 -9.88
C GLY C 30 20.43 17.63 -10.34
N ILE C 31 20.08 17.26 -11.57
CA ILE C 31 18.79 17.59 -12.15
C ILE C 31 18.16 16.31 -12.70
N ILE C 32 17.01 15.93 -12.16
CA ILE C 32 16.25 14.81 -12.71
C ILE C 32 15.18 15.41 -13.62
N CYS C 33 15.32 15.16 -14.91
CA CYS C 33 14.41 15.73 -15.89
C CYS C 33 13.08 15.00 -15.88
N GLY C 34 12.03 15.74 -15.56
CA GLY C 34 10.68 15.23 -15.71
C GLY C 34 9.95 16.05 -16.75
N SER C 35 8.63 16.13 -16.60
CA SER C 35 7.80 16.92 -17.48
C SER C 35 8.29 18.37 -17.53
N GLY C 36 8.47 18.89 -18.74
CA GLY C 36 8.84 20.29 -18.95
C GLY C 36 10.33 20.58 -18.94
N LEU C 37 11.17 19.59 -18.64
CA LEU C 37 12.61 19.83 -18.55
C LEU C 37 13.40 19.21 -19.71
N GLY C 38 12.70 18.80 -20.76
CA GLY C 38 13.34 18.25 -21.95
C GLY C 38 14.31 19.21 -22.63
N LYS C 39 13.96 20.49 -22.67
CA LYS C 39 14.79 21.51 -23.33
C LYS C 39 15.98 21.95 -22.47
N LEU C 40 15.79 21.97 -21.14
CA LEU C 40 16.86 22.34 -20.21
C LEU C 40 18.05 21.39 -20.36
N ALA C 41 17.75 20.10 -20.49
CA ALA C 41 18.75 19.07 -20.73
C ALA C 41 19.59 19.39 -21.97
N ASP C 42 18.92 19.78 -23.06
CA ASP C 42 19.58 20.09 -24.32
C ASP C 42 20.50 21.31 -24.26
N GLY C 43 20.13 22.31 -23.46
CA GLY C 43 20.88 23.56 -23.37
C GLY C 43 22.02 23.60 -22.38
N VAL C 44 22.40 22.44 -21.82
CA VAL C 44 23.58 22.35 -20.96
C VAL C 44 24.82 22.67 -21.80
N LYS C 45 25.65 23.57 -21.29
CA LYS C 45 26.82 24.07 -22.01
C LYS C 45 28.05 23.20 -21.80
N ASP C 46 28.82 23.02 -22.88
CA ASP C 46 30.02 22.18 -22.87
C ASP C 46 29.70 20.78 -22.37
N LYS C 47 28.59 20.23 -22.88
CA LYS C 47 28.03 19.01 -22.33
C LYS C 47 28.86 17.78 -22.69
N ILE C 48 28.84 16.81 -21.80
CA ILE C 48 29.38 15.49 -22.04
C ILE C 48 28.27 14.50 -21.71
N THR C 49 27.89 13.70 -22.70
CA THR C 49 26.77 12.78 -22.56
C THR C 49 27.30 11.37 -22.35
N ILE C 50 26.91 10.76 -21.24
CA ILE C 50 27.30 9.39 -20.90
C ILE C 50 26.04 8.53 -20.87
N PRO C 51 25.82 7.71 -21.90
CA PRO C 51 24.67 6.80 -21.88
C PRO C 51 24.77 5.81 -20.72
N TYR C 52 23.60 5.46 -20.16
CA TYR C 52 23.54 4.52 -19.04
C TYR C 52 24.17 3.17 -19.40
N THR C 53 24.09 2.79 -20.68
CA THR C 53 24.69 1.53 -21.17
C THR C 53 26.21 1.45 -20.96
N LYS C 54 26.86 2.61 -20.92
CA LYS C 54 28.32 2.68 -20.81
C LYS C 54 28.82 2.76 -19.38
N ILE C 55 27.91 2.66 -18.40
CA ILE C 55 28.27 2.71 -16.99
C ILE C 55 27.93 1.36 -16.33
N PRO C 56 28.93 0.51 -16.12
CA PRO C 56 28.72 -0.78 -15.44
C PRO C 56 28.00 -0.66 -14.10
N ASN C 57 27.01 -1.52 -13.90
CA ASN C 57 26.17 -1.57 -12.69
C ASN C 57 25.19 -0.41 -12.50
N PHE C 58 25.24 0.60 -13.36
CA PHE C 58 24.22 1.66 -13.37
C PHE C 58 22.94 1.06 -13.92
N PRO C 59 21.79 1.40 -13.33
CA PRO C 59 20.51 0.83 -13.81
C PRO C 59 20.20 1.24 -15.24
N GLN C 60 19.44 0.38 -15.93
CA GLN C 60 19.18 0.54 -17.34
C GLN C 60 17.69 0.85 -17.58
N THR C 61 17.44 1.93 -18.30
CA THR C 61 16.09 2.27 -18.75
C THR C 61 16.15 2.87 -20.15
N SER C 62 15.05 2.73 -20.87
CA SER C 62 14.97 3.19 -22.26
C SER C 62 13.58 3.75 -22.59
N VAL C 63 13.57 4.76 -23.46
CA VAL C 63 12.35 5.23 -24.10
C VAL C 63 12.29 4.56 -25.47
N VAL C 64 11.44 3.53 -25.57
CA VAL C 64 11.32 2.70 -26.77
C VAL C 64 12.67 2.45 -27.49
N GLY C 65 13.62 1.90 -26.75
CA GLY C 65 14.89 1.45 -27.33
C GLY C 65 16.10 2.32 -27.05
N HIS C 66 15.88 3.61 -26.85
CA HIS C 66 16.99 4.55 -26.64
C HIS C 66 17.29 4.72 -25.16
N SER C 67 18.48 4.25 -24.76
CA SER C 67 18.96 4.37 -23.39
C SER C 67 18.91 5.82 -22.88
N GLY C 68 18.66 5.96 -21.58
CA GLY C 68 18.81 7.24 -20.91
C GLY C 68 20.27 7.64 -20.84
N ASN C 69 20.54 8.89 -20.48
CA ASN C 69 21.90 9.43 -20.40
C ASN C 69 22.12 10.28 -19.15
N LEU C 70 23.37 10.30 -18.68
CA LEU C 70 23.84 11.30 -17.73
C LEU C 70 24.51 12.42 -18.52
N ILE C 71 24.13 13.67 -18.27
CA ILE C 71 24.72 14.80 -18.97
C ILE C 71 25.44 15.71 -17.99
N PHE C 72 26.76 15.82 -18.15
CA PHE C 72 27.57 16.72 -17.34
C PHE C 72 27.88 17.99 -18.13
N GLY C 73 27.98 19.10 -17.43
CA GLY C 73 28.35 20.37 -18.03
C GLY C 73 28.06 21.52 -17.09
N THR C 74 27.61 22.64 -17.65
CA THR C 74 27.22 23.79 -16.84
C THR C 74 25.89 24.37 -17.29
N LEU C 75 25.24 25.04 -16.36
CA LEU C 75 23.97 25.70 -16.57
C LEU C 75 24.08 26.97 -15.75
N SER C 76 24.00 28.13 -16.41
CA SER C 76 24.15 29.41 -15.71
C SER C 76 25.44 29.47 -14.89
N GLY C 77 26.54 28.98 -15.48
CA GLY C 77 27.85 29.04 -14.84
C GLY C 77 28.10 28.06 -13.71
N ARG C 78 27.16 27.13 -13.49
CA ARG C 78 27.24 26.19 -12.38
C ARG C 78 27.36 24.78 -12.91
N LYS C 79 28.22 23.98 -12.27
CA LYS C 79 28.47 22.59 -12.67
C LYS C 79 27.29 21.70 -12.30
N VAL C 80 26.75 20.98 -13.29
CA VAL C 80 25.58 20.15 -13.08
C VAL C 80 25.76 18.74 -13.65
N VAL C 81 24.94 17.82 -13.14
CA VAL C 81 24.72 16.53 -13.78
C VAL C 81 23.21 16.38 -13.98
N VAL C 82 22.81 16.01 -15.20
CA VAL C 82 21.42 15.86 -15.55
C VAL C 82 21.13 14.39 -15.81
N MET C 83 20.10 13.87 -15.15
CA MET C 83 19.60 12.54 -15.42
C MET C 83 18.52 12.64 -16.48
N GLN C 84 18.80 12.08 -17.64
CA GLN C 84 17.86 12.01 -18.75
C GLN C 84 17.42 10.56 -18.88
N GLY C 85 16.32 10.22 -18.23
CA GLY C 85 15.88 8.85 -18.07
C GLY C 85 15.79 8.51 -16.59
N ARG C 86 14.57 8.20 -16.14
CA ARG C 86 14.29 7.90 -14.74
C ARG C 86 13.75 6.51 -14.55
N PHE C 87 13.67 6.10 -13.29
CA PHE C 87 13.28 4.76 -12.93
C PHE C 87 12.02 4.82 -12.08
N HIS C 88 10.88 4.78 -12.74
CA HIS C 88 9.59 4.91 -12.07
C HIS C 88 9.18 3.57 -11.51
N MET C 89 8.60 3.58 -10.32
CA MET C 89 8.31 2.35 -9.61
C MET C 89 7.19 1.54 -10.27
N TYR C 90 6.33 2.21 -11.03
CA TYR C 90 5.29 1.50 -11.77
C TYR C 90 5.85 0.62 -12.89
N GLU C 91 7.09 0.87 -13.31
CA GLU C 91 7.78 0.02 -14.30
C GLU C 91 8.28 -1.30 -13.69
N GLY C 92 8.32 -1.36 -12.36
CA GLY C 92 8.73 -2.55 -11.64
C GLY C 92 10.16 -2.50 -11.13
N TYR C 93 10.79 -1.32 -11.17
CA TYR C 93 12.17 -1.17 -10.71
C TYR C 93 12.24 -1.32 -9.21
N SER C 94 13.36 -1.85 -8.73
CA SER C 94 13.57 -2.12 -7.32
C SER C 94 13.95 -0.84 -6.59
N ASN C 95 13.86 -0.88 -5.28
CA ASN C 95 14.30 0.21 -4.42
C ASN C 95 15.76 0.56 -4.68
N ASP C 96 16.59 -0.47 -4.84
CA ASP C 96 18.03 -0.30 -5.07
C ASP C 96 18.31 0.37 -6.41
N THR C 97 17.52 0.04 -7.43
CA THR C 97 17.67 0.63 -8.75
C THR C 97 17.42 2.13 -8.69
N VAL C 98 16.32 2.54 -8.05
CA VAL C 98 15.96 3.94 -7.95
C VAL C 98 16.96 4.72 -7.07
N ALA C 99 17.46 4.05 -6.02
CA ALA C 99 18.29 4.72 -5.03
C ALA C 99 19.73 4.92 -5.52
N LEU C 100 20.23 4.00 -6.32
CA LEU C 100 21.65 4.01 -6.70
C LEU C 100 22.07 5.31 -7.38
N PRO C 101 21.37 5.75 -8.43
CA PRO C 101 21.74 7.02 -9.09
C PRO C 101 21.81 8.24 -8.17
N ILE C 102 20.91 8.36 -7.20
CA ILE C 102 20.92 9.49 -6.28
C ILE C 102 22.14 9.43 -5.34
N ARG C 103 22.47 8.22 -4.89
CA ARG C 103 23.61 8.00 -4.03
C ARG C 103 24.92 8.18 -4.80
N VAL C 104 24.89 7.89 -6.09
CA VAL C 104 26.02 8.19 -6.97
C VAL C 104 26.21 9.70 -7.06
N MET C 105 25.11 10.44 -7.21
CA MET C 105 25.17 11.89 -7.22
C MET C 105 25.80 12.44 -5.93
N LYS C 106 25.48 11.86 -4.79
CA LYS C 106 26.07 12.29 -3.53
C LYS C 106 27.59 12.18 -3.57
N LEU C 107 28.11 11.02 -3.96
CA LEU C 107 29.55 10.80 -3.99
C LEU C 107 30.25 11.64 -5.07
N LEU C 108 29.54 12.02 -6.13
CA LEU C 108 30.11 12.83 -7.20
C LEU C 108 30.30 14.29 -6.76
N GLY C 109 29.52 14.70 -5.76
CA GLY C 109 29.63 16.03 -5.19
C GLY C 109 28.34 16.85 -5.20
N VAL C 110 27.23 16.24 -5.62
CA VAL C 110 25.95 16.97 -5.69
C VAL C 110 25.49 17.43 -4.30
N LYS C 111 25.13 18.71 -4.21
CA LYS C 111 24.65 19.32 -2.98
C LYS C 111 23.15 19.65 -3.03
N ILE C 112 22.65 19.95 -4.22
CA ILE C 112 21.24 20.26 -4.45
C ILE C 112 20.69 19.40 -5.59
N LEU C 113 19.49 18.85 -5.40
CA LEU C 113 18.78 18.10 -6.43
C LEU C 113 17.57 18.90 -6.85
N MET C 114 17.42 19.12 -8.15
CA MET C 114 16.25 19.78 -8.72
C MET C 114 15.50 18.76 -9.57
N VAL C 115 14.19 18.67 -9.41
CA VAL C 115 13.41 17.64 -10.10
C VAL C 115 12.06 18.21 -10.54
N SER C 116 11.61 17.83 -11.74
CA SER C 116 10.26 18.11 -12.17
C SER C 116 9.49 16.83 -12.40
N ASN C 117 8.16 16.94 -12.43
CA ASN C 117 7.29 15.85 -12.84
C ASN C 117 5.98 16.37 -13.40
N ALA C 118 5.21 15.44 -13.96
CA ALA C 118 3.86 15.71 -14.43
C ALA C 118 2.89 15.28 -13.34
N ALA C 119 1.90 16.11 -13.04
CA ALA C 119 0.91 15.81 -12.00
C ALA C 119 -0.49 16.23 -12.42
N GLY C 120 -1.48 15.57 -11.84
CA GLY C 120 -2.87 16.00 -11.92
C GLY C 120 -3.20 17.04 -10.87
N GLY C 121 -4.00 18.02 -11.25
CA GLY C 121 -4.35 19.11 -10.36
C GLY C 121 -5.60 18.76 -9.57
N LEU C 122 -5.44 18.55 -8.27
CA LEU C 122 -6.55 18.26 -7.38
C LEU C 122 -7.16 19.55 -6.84
N ASN C 123 -6.30 20.41 -6.30
CA ASN C 123 -6.69 21.75 -5.87
C ASN C 123 -7.46 22.43 -6.99
N ARG C 124 -8.68 22.88 -6.70
CA ARG C 124 -9.59 23.43 -7.70
C ARG C 124 -9.21 24.82 -8.25
N SER C 125 -8.25 25.47 -7.61
CA SER C 125 -7.74 26.76 -8.07
C SER C 125 -6.66 26.61 -9.16
N LEU C 126 -6.12 25.41 -9.33
CA LEU C 126 -5.05 25.20 -10.30
C LEU C 126 -5.59 25.19 -11.72
N LYS C 127 -4.73 25.63 -12.64
CA LYS C 127 -4.99 25.63 -14.06
C LYS C 127 -3.95 24.78 -14.76
N LEU C 128 -4.31 24.25 -15.90
CA LEU C 128 -3.41 23.52 -16.78
C LEU C 128 -2.17 24.36 -17.05
N GLY C 129 -0.98 23.77 -16.89
CA GLY C 129 0.27 24.46 -17.15
C GLY C 129 0.85 25.20 -15.95
N ASP C 130 0.13 25.22 -14.83
CA ASP C 130 0.65 25.83 -13.62
C ASP C 130 1.85 25.06 -13.12
N PHE C 131 2.75 25.76 -12.44
CA PHE C 131 3.90 25.17 -11.77
C PHE C 131 3.58 25.08 -10.30
N VAL C 132 3.60 23.89 -9.73
CA VAL C 132 3.35 23.73 -8.30
C VAL C 132 4.62 23.24 -7.62
N ILE C 133 5.33 24.17 -6.98
CA ILE C 133 6.48 23.82 -6.16
C ILE C 133 5.99 22.92 -5.04
N LEU C 134 6.67 21.79 -4.84
CA LEU C 134 6.37 20.91 -3.71
C LEU C 134 6.91 21.57 -2.44
N LYS C 135 6.02 21.76 -1.48
CA LYS C 135 6.43 22.16 -0.13
C LYS C 135 6.29 21.01 0.85
N ASP C 136 5.51 19.99 0.48
CA ASP C 136 5.38 18.78 1.29
C ASP C 136 4.86 17.63 0.42
N HIS C 137 4.84 16.42 0.98
CA HIS C 137 4.26 15.30 0.29
C HIS C 137 3.53 14.30 1.20
N ILE C 138 2.73 13.46 0.57
CA ILE C 138 2.12 12.31 1.19
C ILE C 138 2.54 11.09 0.38
N TYR C 139 3.31 10.21 0.99
CA TYR C 139 3.96 9.09 0.33
C TYR C 139 3.11 7.85 0.57
N LEU C 140 2.03 7.71 -0.20
CA LEU C 140 1.08 6.62 0.06
C LEU C 140 1.75 5.25 0.03
N PRO C 141 2.60 4.96 -0.96
CA PRO C 141 3.38 3.71 -0.92
C PRO C 141 4.24 3.57 0.32
N GLY C 142 4.83 4.66 0.79
CA GLY C 142 5.67 4.65 1.99
C GLY C 142 4.93 4.35 3.28
N LEU C 143 3.72 4.86 3.40
CA LEU C 143 2.85 4.59 4.55
C LEU C 143 2.39 3.14 4.55
N GLY C 144 2.23 2.57 3.36
CA GLY C 144 2.08 1.14 3.23
C GLY C 144 3.44 0.56 3.52
N LEU C 145 3.76 -0.56 2.92
CA LEU C 145 5.06 -1.14 3.17
C LEU C 145 5.95 -1.07 1.94
N ASN C 146 5.73 -0.06 1.10
CA ASN C 146 6.52 0.13 -0.11
C ASN C 146 7.38 1.42 -0.10
N ASN C 147 7.86 1.80 1.08
CA ASN C 147 8.82 2.89 1.20
C ASN C 147 10.13 2.43 0.58
N ILE C 148 10.76 3.30 -0.22
CA ILE C 148 12.00 2.97 -0.91
C ILE C 148 13.13 2.53 0.05
N LEU C 149 13.06 2.96 1.30
CA LEU C 149 14.10 2.65 2.29
C LEU C 149 13.88 1.32 3.04
N VAL C 150 12.77 0.63 2.78
CA VAL C 150 12.50 -0.66 3.41
C VAL C 150 13.61 -1.64 3.03
N GLY C 151 14.08 -2.39 4.01
CA GLY C 151 15.23 -3.27 3.87
C GLY C 151 16.36 -2.78 4.76
N PRO C 152 17.49 -3.48 4.75
CA PRO C 152 18.65 -3.04 5.52
C PRO C 152 18.99 -1.58 5.24
N ASN C 153 19.21 -0.78 6.28
CA ASN C 153 19.69 0.59 6.10
C ASN C 153 21.16 0.60 5.71
N GLN C 154 21.48 1.41 4.70
CA GLN C 154 22.86 1.63 4.31
C GLN C 154 23.37 2.82 5.12
N GLU C 155 24.02 2.49 6.24
CA GLU C 155 24.47 3.48 7.21
C GLU C 155 25.44 4.49 6.59
N ALA C 156 26.16 4.08 5.54
CA ALA C 156 27.13 4.95 4.85
C ALA C 156 26.48 6.20 4.28
N PHE C 157 25.20 6.10 3.94
CA PHE C 157 24.47 7.21 3.30
C PHE C 157 23.56 7.95 4.24
N GLY C 158 23.01 7.26 5.23
CA GLY C 158 22.11 7.91 6.18
C GLY C 158 21.62 7.02 7.30
N THR C 159 20.70 7.56 8.09
CA THR C 159 20.25 6.97 9.33
C THR C 159 19.01 6.11 9.08
N ARG C 160 18.70 5.26 10.03
CA ARG C 160 17.61 4.28 9.89
C ARG C 160 16.25 4.93 9.73
N PHE C 161 15.97 5.93 10.58
CA PHE C 161 14.68 6.63 10.60
C PHE C 161 14.87 8.10 10.26
N PRO C 162 15.01 8.42 8.98
CA PRO C 162 15.20 9.82 8.57
C PRO C 162 13.94 10.67 8.82
N ALA C 163 14.14 11.89 9.32
CA ALA C 163 13.08 12.87 9.42
C ALA C 163 12.95 13.52 8.05
N LEU C 164 11.73 13.95 7.72
CA LEU C 164 11.45 14.61 6.45
C LEU C 164 10.91 16.01 6.69
N SER C 165 11.39 16.65 7.76
CA SER C 165 10.82 17.91 8.29
C SER C 165 10.84 19.08 7.30
N ASN C 166 12.03 19.40 6.79
CA ASN C 166 12.24 20.46 5.80
C ASN C 166 12.71 19.79 4.50
N ALA C 167 11.96 18.78 4.07
CA ALA C 167 12.36 17.95 2.92
C ALA C 167 12.46 18.77 1.63
N TYR C 168 11.52 19.69 1.44
CA TYR C 168 11.53 20.63 0.33
C TYR C 168 12.05 21.97 0.83
N ASP C 169 13.36 22.12 0.71
CA ASP C 169 14.10 23.21 1.32
C ASP C 169 13.38 24.54 1.19
N ARG C 170 13.04 25.13 2.33
CA ARG C 170 12.24 26.35 2.32
C ARG C 170 12.97 27.53 1.68
N ASP C 171 14.29 27.54 1.79
CA ASP C 171 15.09 28.60 1.16
C ASP C 171 15.13 28.47 -0.35
N LEU C 172 15.16 27.24 -0.86
CA LEU C 172 15.14 27.02 -2.30
C LEU C 172 13.75 27.37 -2.86
N ARG C 173 12.71 27.07 -2.10
CA ARG C 173 11.34 27.41 -2.52
C ARG C 173 11.17 28.93 -2.61
N LYS C 174 11.69 29.65 -1.61
CA LYS C 174 11.60 31.11 -1.59
C LYS C 174 12.33 31.72 -2.78
N LEU C 175 13.49 31.17 -3.13
CA LEU C 175 14.26 31.65 -4.27
C LEU C 175 13.53 31.40 -5.59
N ALA C 176 12.91 30.22 -5.71
CA ALA C 176 12.21 29.85 -6.93
C ALA C 176 11.00 30.77 -7.16
N VAL C 177 10.29 31.08 -6.08
CA VAL C 177 9.14 31.97 -6.16
C VAL C 177 9.62 33.37 -6.54
N GLN C 178 10.70 33.82 -5.90
CA GLN C 178 11.27 35.15 -6.17
C GLN C 178 11.68 35.30 -7.64
N VAL C 179 12.34 34.27 -8.18
CA VAL C 179 12.80 34.29 -9.56
C VAL C 179 11.62 34.38 -10.53
N ALA C 180 10.58 33.57 -10.27
CA ALA C 180 9.37 33.62 -11.08
C ALA C 180 8.72 35.01 -11.02
N GLU C 181 8.61 35.56 -9.83
CA GLU C 181 7.99 36.87 -9.64
C GLU C 181 8.75 37.99 -10.35
N GLU C 182 10.07 37.95 -10.23
CA GLU C 182 10.97 38.93 -10.84
C GLU C 182 10.94 38.90 -12.36
N ASN C 183 10.58 37.75 -12.91
CA ASN C 183 10.61 37.51 -14.35
C ASN C 183 9.24 37.49 -15.01
N GLY C 184 8.21 37.84 -14.24
CA GLY C 184 6.88 38.10 -14.79
C GLY C 184 5.94 36.91 -14.93
N PHE C 185 6.29 35.76 -14.37
CA PHE C 185 5.38 34.61 -14.40
C PHE C 185 5.05 34.04 -13.01
N GLY C 186 5.08 34.92 -12.01
CA GLY C 186 4.73 34.55 -10.65
C GLY C 186 3.31 34.05 -10.49
N ASN C 187 2.42 34.55 -11.37
CA ASN C 187 1.03 34.11 -11.43
C ASN C 187 0.86 32.62 -11.79
N LEU C 188 1.85 32.04 -12.46
CA LEU C 188 1.86 30.62 -12.79
C LEU C 188 2.38 29.73 -11.67
N VAL C 189 2.98 30.33 -10.65
CA VAL C 189 3.67 29.57 -9.60
C VAL C 189 2.84 29.47 -8.31
N HIS C 190 2.62 28.23 -7.89
CA HIS C 190 1.96 27.89 -6.63
C HIS C 190 2.90 27.01 -5.81
N GLN C 191 2.55 26.81 -4.55
CA GLN C 191 3.18 25.79 -3.72
C GLN C 191 2.10 24.86 -3.19
N GLY C 192 2.42 23.58 -3.07
CA GLY C 192 1.43 22.61 -2.60
C GLY C 192 1.98 21.28 -2.14
N VAL C 193 1.05 20.43 -1.71
CA VAL C 193 1.35 19.09 -1.23
C VAL C 193 1.15 18.16 -2.40
N TYR C 194 2.13 17.29 -2.63
CA TYR C 194 2.08 16.31 -3.70
C TYR C 194 1.85 14.95 -3.06
N VAL C 195 0.92 14.18 -3.60
CA VAL C 195 0.65 12.82 -3.13
C VAL C 195 1.03 11.86 -4.24
N MET C 196 1.71 10.79 -3.87
CA MET C 196 2.12 9.78 -4.82
C MET C 196 1.09 8.65 -4.90
N ASN C 197 0.56 8.48 -6.11
CA ASN C 197 -0.15 7.29 -6.51
C ASN C 197 0.86 6.40 -7.20
N GLY C 198 1.12 5.22 -6.64
CA GLY C 198 2.05 4.26 -7.22
C GLY C 198 1.86 4.02 -8.71
N GLY C 199 0.61 4.03 -9.18
CA GLY C 199 0.30 4.00 -10.60
C GLY C 199 0.40 2.57 -11.14
N PRO C 200 0.34 2.38 -12.45
CA PRO C 200 0.36 3.44 -13.47
C PRO C 200 -1.01 3.96 -13.93
N CYS C 201 -2.09 3.45 -13.35
CA CYS C 201 -3.43 3.95 -13.65
C CYS C 201 -3.57 5.39 -13.20
N TYR C 202 -4.23 6.21 -14.01
CA TYR C 202 -4.67 7.52 -13.53
C TYR C 202 -5.70 7.30 -12.44
N GLU C 203 -5.96 8.36 -11.68
CA GLU C 203 -6.76 8.28 -10.47
C GLU C 203 -8.24 8.32 -10.84
N THR C 204 -9.05 7.49 -10.19
CA THR C 204 -10.48 7.53 -10.41
C THR C 204 -11.02 8.81 -9.78
N PRO C 205 -12.21 9.23 -10.16
CA PRO C 205 -12.84 10.39 -9.52
C PRO C 205 -12.99 10.26 -7.99
N ALA C 206 -13.33 9.07 -7.52
CA ALA C 206 -13.45 8.82 -6.08
C ALA C 206 -12.09 8.93 -5.39
N GLU C 207 -11.05 8.43 -6.06
CA GLU C 207 -9.70 8.52 -5.54
C GLU C 207 -9.29 9.98 -5.46
N CYS C 208 -9.57 10.75 -6.50
CA CYS C 208 -9.20 12.17 -6.53
C CYS C 208 -9.91 12.95 -5.44
N THR C 209 -11.20 12.66 -5.25
CA THR C 209 -11.99 13.33 -4.24
C THR C 209 -11.43 13.05 -2.85
N MET C 210 -11.09 11.79 -2.59
CA MET C 210 -10.42 11.38 -1.35
C MET C 210 -9.10 12.13 -1.15
N LEU C 211 -8.28 12.19 -2.19
CA LEU C 211 -6.95 12.78 -2.09
C LEU C 211 -7.02 14.29 -1.84
N LEU C 212 -7.96 14.96 -2.51
CA LEU C 212 -8.20 16.37 -2.30
C LEU C 212 -8.62 16.63 -0.85
N ASN C 213 -9.44 15.75 -0.29
CA ASN C 213 -9.89 15.90 1.09
C ASN C 213 -8.82 15.53 2.13
N MET C 214 -7.78 14.80 1.70
CA MET C 214 -6.62 14.50 2.55
C MET C 214 -5.73 15.75 2.73
N GLY C 215 -5.92 16.77 1.89
CA GLY C 215 -5.12 17.97 1.89
C GLY C 215 -4.10 18.02 0.77
N CYS C 216 -4.32 17.25 -0.29
CA CYS C 216 -3.40 17.15 -1.42
C CYS C 216 -3.76 18.14 -2.52
N ASP C 217 -2.74 18.79 -3.08
CA ASP C 217 -2.92 19.78 -4.14
C ASP C 217 -2.70 19.19 -5.52
N VAL C 218 -1.72 18.30 -5.64
CA VAL C 218 -1.42 17.59 -6.89
C VAL C 218 -1.15 16.12 -6.64
N VAL C 219 -1.43 15.28 -7.63
CA VAL C 219 -1.16 13.85 -7.54
C VAL C 219 -0.31 13.40 -8.73
N GLY C 220 0.69 12.55 -8.46
CA GLY C 220 1.52 11.99 -9.51
C GLY C 220 2.09 10.64 -9.10
N MET C 221 2.85 10.03 -9.99
CA MET C 221 3.31 8.65 -9.82
C MET C 221 4.82 8.49 -9.62
N SER C 222 5.51 9.60 -9.37
CA SER C 222 6.96 9.61 -9.30
C SER C 222 7.51 10.49 -8.17
N THR C 223 8.83 10.64 -8.17
CA THR C 223 9.52 11.73 -7.45
C THR C 223 9.78 11.49 -5.97
N ILE C 224 8.75 11.15 -5.20
CA ILE C 224 8.90 10.97 -3.77
C ILE C 224 10.00 9.96 -3.42
N PRO C 225 10.10 8.82 -4.10
CA PRO C 225 11.18 7.87 -3.80
C PRO C 225 12.56 8.53 -3.96
N GLU C 226 12.76 9.27 -5.05
CA GLU C 226 14.03 9.99 -5.26
C GLU C 226 14.28 11.01 -4.16
N VAL C 227 13.24 11.73 -3.75
CA VAL C 227 13.33 12.74 -2.70
C VAL C 227 13.74 12.12 -1.37
N VAL C 228 13.16 10.98 -1.04
CA VAL C 228 13.46 10.27 0.20
C VAL C 228 14.93 9.87 0.23
N ILE C 229 15.44 9.34 -0.86
CA ILE C 229 16.85 8.93 -0.93
C ILE C 229 17.77 10.15 -0.84
N ALA C 230 17.37 11.25 -1.49
CA ALA C 230 18.14 12.48 -1.46
C ALA C 230 18.23 13.04 -0.04
N ARG C 231 17.09 13.13 0.66
CA ARG C 231 17.10 13.63 2.02
C ARG C 231 17.83 12.69 2.97
N HIS C 232 17.70 11.39 2.72
CA HIS C 232 18.38 10.39 3.53
C HIS C 232 19.91 10.63 3.53
N CYS C 233 20.48 11.00 2.38
CA CYS C 233 21.91 11.29 2.29
C CYS C 233 22.29 12.77 2.32
N GLY C 234 21.34 13.63 2.69
CA GLY C 234 21.64 15.01 2.99
C GLY C 234 21.75 15.95 1.79
N ILE C 235 21.13 15.58 0.68
CA ILE C 235 21.05 16.45 -0.49
C ILE C 235 19.79 17.31 -0.35
N GLN C 236 19.94 18.62 -0.52
CA GLN C 236 18.80 19.52 -0.48
C GLN C 236 17.97 19.33 -1.73
N VAL C 237 16.65 19.46 -1.61
CA VAL C 237 15.74 19.15 -2.70
C VAL C 237 14.85 20.33 -3.09
N PHE C 238 14.77 20.57 -4.40
CA PHE C 238 13.78 21.45 -5.00
C PHE C 238 13.02 20.64 -6.05
N ALA C 239 11.70 20.62 -5.95
CA ALA C 239 10.86 19.81 -6.83
C ALA C 239 9.63 20.61 -7.26
N VAL C 240 9.29 20.48 -8.54
CA VAL C 240 8.15 21.19 -9.11
C VAL C 240 7.28 20.24 -9.92
N SER C 241 5.98 20.28 -9.67
CA SER C 241 5.00 19.58 -10.48
C SER C 241 4.45 20.53 -11.55
N LEU C 242 4.46 20.08 -12.79
CA LEU C 242 3.72 20.73 -13.86
C LEU C 242 2.31 20.15 -13.85
N VAL C 243 1.29 21.01 -13.81
CA VAL C 243 -0.10 20.55 -13.83
C VAL C 243 -0.47 20.17 -15.27
N THR C 244 -0.42 18.88 -15.56
CA THR C 244 -0.63 18.37 -16.91
C THR C 244 -2.03 17.84 -17.15
N ASN C 245 -2.81 17.74 -16.09
CA ASN C 245 -4.23 17.40 -16.19
C ASN C 245 -4.96 17.97 -14.99
N ILE C 246 -6.21 18.35 -15.18
CA ILE C 246 -7.06 18.75 -14.07
C ILE C 246 -7.86 17.52 -13.68
N SER C 247 -7.68 17.07 -12.44
CA SER C 247 -8.33 15.85 -11.96
C SER C 247 -9.85 15.96 -12.05
N VAL C 248 -10.48 14.90 -12.54
CA VAL C 248 -11.93 14.81 -12.62
C VAL C 248 -12.40 14.18 -11.32
N LEU C 249 -13.30 14.86 -10.61
CA LEU C 249 -13.77 14.44 -9.30
C LEU C 249 -15.14 13.77 -9.31
N ASP C 250 -15.84 13.84 -10.43
CA ASP C 250 -17.17 13.23 -10.58
C ASP C 250 -17.18 12.19 -11.70
N VAL C 251 -17.80 11.04 -11.44
CA VAL C 251 -17.93 9.98 -12.43
C VAL C 251 -18.84 10.41 -13.58
N GLU C 252 -19.82 11.26 -13.29
CA GLU C 252 -20.78 11.73 -14.29
C GLU C 252 -20.16 12.83 -15.13
N SER C 253 -19.18 12.45 -15.97
CA SER C 253 -18.36 13.39 -16.73
C SER C 253 -17.50 12.63 -17.74
N ASP C 254 -17.55 13.05 -19.01
CA ASP C 254 -16.84 12.35 -20.09
C ASP C 254 -15.38 12.74 -20.23
N LEU C 255 -14.93 13.76 -19.49
CA LEU C 255 -13.54 14.20 -19.52
C LEU C 255 -12.65 13.15 -18.83
N LYS C 256 -11.42 13.02 -19.31
CA LYS C 256 -10.47 12.04 -18.77
C LYS C 256 -9.00 12.36 -19.09
N PRO C 257 -8.06 11.85 -18.29
CA PRO C 257 -6.64 11.99 -18.61
C PRO C 257 -6.21 11.02 -19.71
N ASN C 258 -5.46 11.48 -20.71
CA ASN C 258 -5.07 10.63 -21.84
C ASN C 258 -3.58 10.53 -22.12
N HIS C 259 -2.75 11.19 -21.29
CA HIS C 259 -1.29 11.16 -21.40
C HIS C 259 -0.66 11.88 -22.61
N GLU C 260 -1.36 11.94 -23.74
CA GLU C 260 -0.83 12.66 -24.90
C GLU C 260 -1.00 14.15 -24.68
N GLU C 261 -2.14 14.54 -24.10
CA GLU C 261 -2.36 15.93 -23.69
C GLU C 261 -1.49 16.28 -22.50
N VAL C 262 -1.15 15.28 -21.68
CA VAL C 262 -0.16 15.44 -20.61
C VAL C 262 1.22 15.76 -21.20
N LEU C 263 1.60 15.04 -22.24
CA LEU C 263 2.89 15.27 -22.91
C LEU C 263 2.88 16.61 -23.65
N ALA C 264 1.71 17.03 -24.14
CA ALA C 264 1.57 18.29 -24.87
C ALA C 264 1.75 19.48 -23.93
N THR C 265 1.24 19.37 -22.70
CA THR C 265 1.41 20.43 -21.71
C THR C 265 2.88 20.54 -21.32
N GLY C 266 3.55 19.41 -21.15
CA GLY C 266 4.97 19.39 -20.89
C GLY C 266 5.79 20.05 -21.99
N ALA C 267 5.50 19.70 -23.24
CA ALA C 267 6.21 20.24 -24.39
C ALA C 267 5.99 21.75 -24.54
N GLN C 268 4.78 22.20 -24.19
CA GLN C 268 4.41 23.61 -24.38
C GLN C 268 4.90 24.52 -23.25
N ARG C 269 5.20 23.93 -22.09
CA ARG C 269 5.71 24.70 -20.95
C ARG C 269 7.21 24.49 -20.77
N ALA C 270 7.83 23.72 -21.66
CA ALA C 270 9.25 23.37 -21.56
C ALA C 270 10.15 24.59 -21.65
N GLU C 271 9.84 25.49 -22.58
CA GLU C 271 10.62 26.68 -22.80
C GLU C 271 10.67 27.55 -21.55
N LEU C 272 9.50 27.76 -20.93
CA LEU C 272 9.41 28.57 -19.73
C LEU C 272 10.05 27.89 -18.52
N MET C 273 9.83 26.59 -18.36
CA MET C 273 10.39 25.86 -17.24
C MET C 273 11.92 25.80 -17.33
N GLN C 274 12.46 25.66 -18.54
CA GLN C 274 13.90 25.73 -18.78
C GLN C 274 14.43 27.08 -18.31
N SER C 275 13.78 28.15 -18.72
CA SER C 275 14.19 29.51 -18.38
C SER C 275 14.20 29.71 -16.87
N TRP C 276 13.14 29.24 -16.22
CA TRP C 276 12.99 29.33 -14.78
C TRP C 276 14.11 28.62 -14.03
N PHE C 277 14.38 27.38 -14.41
CA PHE C 277 15.40 26.58 -13.76
C PHE C 277 16.79 27.18 -13.97
N GLU C 278 17.07 27.66 -15.18
CA GLU C 278 18.35 28.32 -15.47
C GLU C 278 18.54 29.55 -14.60
N LYS C 279 17.48 30.31 -14.40
CA LYS C 279 17.55 31.55 -13.61
C LYS C 279 17.61 31.28 -12.10
N ILE C 280 17.04 30.16 -11.67
CA ILE C 280 17.18 29.72 -10.28
C ILE C 280 18.64 29.32 -10.02
N ILE C 281 19.19 28.51 -10.92
CA ILE C 281 20.56 28.01 -10.78
C ILE C 281 21.58 29.15 -10.71
N GLU C 282 21.34 30.19 -11.50
CA GLU C 282 22.16 31.40 -11.52
C GLU C 282 22.26 32.04 -10.13
N LYS C 283 21.17 31.99 -9.37
CA LYS C 283 21.10 32.64 -8.05
C LYS C 283 21.24 31.72 -6.83
N LEU C 284 21.50 30.43 -7.04
CA LEU C 284 21.67 29.50 -5.93
C LEU C 284 22.85 29.91 -5.03
N PRO C 285 22.78 29.66 -3.72
CA PRO C 285 23.86 30.04 -2.81
C PRO C 285 24.99 29.01 -2.75
N LYS C 286 25.94 29.25 -1.84
CA LYS C 286 27.18 28.48 -1.65
C LYS C 286 28.28 29.01 -2.57
N ASP C 287 28.01 29.06 -3.87
CA ASP C 287 28.92 29.63 -4.85
C ASP C 287 28.35 30.93 -5.41
C ACT D . -15.34 -6.92 3.79
O ACT D . -14.12 -6.71 3.51
OXT ACT D . -15.84 -6.39 4.81
CH3 ACT D . -16.17 -7.80 2.93
C ACT E . 6.51 7.46 14.43
O ACT E . 6.27 6.77 13.38
OXT ACT E . 6.34 8.70 14.40
CH3 ACT E . 6.98 6.80 15.67
C ACT F . -1.36 11.82 -12.37
O ACT F . -1.06 10.82 -11.65
OXT ACT F . -2.55 12.24 -12.43
CH3 ACT F . -0.29 12.54 -13.11
#